data_1A0L
#
_entry.id   1A0L
#
_cell.length_a   82.930
_cell.length_b   82.930
_cell.length_c   172.860
_cell.angle_alpha   90.00
_cell.angle_beta   90.00
_cell.angle_gamma   90.00
#
_symmetry.space_group_name_H-M   'P 41'
#
loop_
_entity.id
_entity.type
_entity.pdbx_description
1 polymer BETA-TRYPTASE
2 non-polymer '(2S)-3-(4-carbamimidoylphenyl)-2-hydroxypropanoic acid'
3 water water
#
_entity_poly.entity_id   1
_entity_poly.type   'polypeptide(L)'
_entity_poly.pdbx_seq_one_letter_code
;IVGGQEAPRSKWPWQVSLRVHGPYWMHFCGGSLIHPQWVLTAAHCVGPDVKDLAALRVQLREQHLYYQDQLLPVSRIIVH
PQFYTAQIGADIALLELEEPVKVSSHVHTVTLPPASETFPPGMPCWVTGWGDVDNDERLPPPFPLKQVKVPIMENHICDA
KYHLGAYTGDDVRIVRDDMLCAGNTRRDSCQGDSGGPLVCKVNGTWLQAGVVSWGEGCAQPNRPGIYTRVTYYLDWIHHY
VPKK
;
_entity_poly.pdbx_strand_id   A,B,C,D
#
# COMPACT_ATOMS: atom_id res chain seq x y z
N ILE A 1 4.18 21.28 -4.03
CA ILE A 1 4.78 22.34 -4.83
C ILE A 1 6.13 21.88 -5.36
N VAL A 2 6.17 21.42 -6.61
CA VAL A 2 7.43 20.97 -7.20
C VAL A 2 8.36 22.16 -7.39
N GLY A 3 9.63 21.98 -7.04
CA GLY A 3 10.59 23.07 -7.17
C GLY A 3 10.37 23.98 -5.96
N GLY A 4 10.68 25.25 -6.12
CA GLY A 4 10.46 26.21 -5.05
C GLY A 4 11.30 26.06 -3.80
N GLN A 5 10.90 26.77 -2.76
CA GLN A 5 11.61 26.78 -1.48
C GLN A 5 10.57 27.00 -0.38
N GLU A 6 10.99 26.82 0.86
CA GLU A 6 10.10 27.06 1.99
C GLU A 6 9.84 28.57 1.93
N ALA A 7 8.62 29.00 2.21
CA ALA A 7 8.28 30.42 2.14
C ALA A 7 8.53 31.19 3.44
N PRO A 8 8.96 32.46 3.34
CA PRO A 8 9.24 33.31 4.49
C PRO A 8 8.01 33.35 5.37
N ARG A 9 8.24 33.41 6.68
CA ARG A 9 7.15 33.41 7.66
C ARG A 9 6.05 34.48 7.46
N SER A 10 6.31 35.45 6.61
CA SER A 10 5.35 36.53 6.36
C SER A 10 5.08 36.73 4.89
N LYS A 11 5.03 35.66 4.12
CA LYS A 11 4.84 35.83 2.70
C LYS A 11 3.47 35.65 2.09
N TRP A 12 2.71 34.65 2.52
CA TRP A 12 1.41 34.46 1.90
C TRP A 12 0.32 34.41 2.94
N PRO A 13 -0.02 35.58 3.49
CA PRO A 13 -1.04 35.80 4.52
C PRO A 13 -2.46 35.34 4.16
N TRP A 14 -2.71 35.16 2.88
CA TRP A 14 -4.01 34.71 2.42
C TRP A 14 -4.12 33.20 2.38
N GLN A 15 -2.99 32.51 2.38
CA GLN A 15 -2.97 31.05 2.31
C GLN A 15 -3.78 30.38 3.43
N VAL A 16 -4.56 29.38 3.06
CA VAL A 16 -5.35 28.61 4.03
C VAL A 16 -5.26 27.14 3.63
N SER A 17 -5.54 26.28 4.58
CA SER A 17 -5.49 24.85 4.39
C SER A 17 -6.85 24.31 4.76
N LEU A 18 -7.50 23.60 3.85
CA LEU A 18 -8.81 23.03 4.13
C LEU A 18 -8.54 21.69 4.75
N ARG A 19 -9.32 21.34 5.77
CA ARG A 19 -9.12 20.08 6.47
C ARG A 19 -10.40 19.24 6.56
N VAL A 20 -10.23 17.93 6.56
CA VAL A 20 -11.35 17.00 6.70
C VAL A 20 -11.19 16.24 8.01
N HIS A 21 -12.32 15.95 8.63
CA HIS A 21 -12.30 15.24 9.89
C HIS A 21 -11.95 13.79 9.66
N GLY A 22 -10.67 13.47 9.80
CA GLY A 22 -10.23 12.10 9.66
C GLY A 22 -10.10 11.53 11.06
N PRO A 23 -9.11 10.65 11.30
CA PRO A 23 -8.48 10.43 12.62
C PRO A 23 -8.05 11.78 13.16
N TYR A 24 -7.73 12.67 12.23
CA TYR A 24 -7.34 14.01 12.57
C TYR A 24 -7.80 14.89 11.44
N TRP A 25 -7.71 16.19 11.63
CA TRP A 25 -8.10 17.09 10.60
C TRP A 25 -6.94 17.21 9.65
N MET A 26 -6.80 16.24 8.76
CA MET A 26 -5.68 16.28 7.82
C MET A 26 -6.02 17.19 6.65
N HIS A 27 -5.00 17.87 6.13
CA HIS A 27 -5.11 18.79 5.00
C HIS A 27 -5.42 18.04 3.70
N PHE A 28 -6.18 18.66 2.80
CA PHE A 28 -6.52 18.05 1.50
C PHE A 28 -6.62 19.01 0.30
N CYS A 29 -6.43 20.30 0.56
CA CYS A 29 -6.50 21.34 -0.45
C CYS A 29 -6.20 22.66 0.19
N GLY A 30 -5.87 23.64 -0.62
CA GLY A 30 -5.58 24.94 -0.09
C GLY A 30 -6.70 25.88 -0.44
N GLY A 31 -6.52 27.16 -0.10
CA GLY A 31 -7.51 28.17 -0.38
C GLY A 31 -6.85 29.51 -0.26
N SER A 32 -7.63 30.56 -0.33
CA SER A 32 -7.10 31.90 -0.23
C SER A 32 -8.17 32.73 0.44
N LEU A 33 -7.75 33.62 1.35
CA LEU A 33 -8.67 34.48 2.07
C LEU A 33 -8.94 35.69 1.19
N ILE A 34 -10.14 35.79 0.61
CA ILE A 34 -10.44 36.93 -0.26
C ILE A 34 -11.38 37.95 0.40
N HIS A 35 -11.76 37.69 1.64
CA HIS A 35 -12.62 38.59 2.37
C HIS A 35 -12.56 38.02 3.78
N PRO A 36 -12.52 38.89 4.80
CA PRO A 36 -12.45 38.42 6.18
C PRO A 36 -13.38 37.28 6.55
N GLN A 37 -14.36 36.99 5.69
CA GLN A 37 -15.32 35.94 5.97
C GLN A 37 -15.47 34.90 4.87
N TRP A 38 -14.78 35.03 3.74
CA TRP A 38 -14.93 34.07 2.66
C TRP A 38 -13.60 33.50 2.19
N VAL A 39 -13.61 32.23 1.81
CA VAL A 39 -12.44 31.51 1.31
C VAL A 39 -12.70 31.08 -0.12
N LEU A 40 -11.77 31.41 -0.99
CA LEU A 40 -11.89 31.06 -2.38
C LEU A 40 -11.10 29.77 -2.55
N THR A 41 -11.65 28.82 -3.29
CA THR A 41 -10.97 27.56 -3.54
C THR A 41 -11.53 26.89 -4.78
N ALA A 42 -10.94 25.76 -5.14
CA ALA A 42 -11.37 25.00 -6.32
C ALA A 42 -12.57 24.16 -5.96
N ALA A 43 -13.55 24.14 -6.85
CA ALA A 43 -14.75 23.40 -6.59
C ALA A 43 -14.41 21.94 -6.47
N HIS A 44 -13.49 21.44 -7.28
CA HIS A 44 -13.18 20.01 -7.20
C HIS A 44 -12.72 19.52 -5.83
N CYS A 45 -12.38 20.43 -4.94
CA CYS A 45 -11.94 20.07 -3.60
C CYS A 45 -13.13 19.74 -2.74
N VAL A 46 -14.23 20.44 -2.98
CA VAL A 46 -15.43 20.22 -2.20
C VAL A 46 -16.66 19.72 -2.99
N GLY A 47 -16.51 19.50 -4.30
CA GLY A 47 -17.62 19.03 -5.12
C GLY A 47 -17.24 17.87 -6.02
N PRO A 48 -18.10 17.47 -6.98
CA PRO A 48 -19.47 17.94 -7.19
C PRO A 48 -20.45 17.41 -6.17
N ASP A 49 -20.06 16.37 -5.46
CA ASP A 49 -20.90 15.78 -4.42
C ASP A 49 -21.03 16.66 -3.19
N VAL A 50 -22.21 16.62 -2.58
CA VAL A 50 -22.48 17.42 -1.39
C VAL A 50 -21.65 16.95 -0.20
N LYS A 51 -21.01 17.91 0.47
CA LYS A 51 -20.14 17.65 1.62
C LYS A 51 -20.74 18.12 2.95
N ASP A 52 -20.41 17.39 4.01
CA ASP A 52 -20.90 17.73 5.35
C ASP A 52 -20.01 18.82 5.92
N LEU A 53 -20.61 19.97 6.21
CA LEU A 53 -19.88 21.10 6.76
C LEU A 53 -19.18 20.78 8.07
N ALA A 54 -19.76 19.88 8.85
CA ALA A 54 -19.12 19.54 10.11
C ALA A 54 -17.82 18.78 9.80
N ALA A 55 -17.82 18.06 8.68
CA ALA A 55 -16.66 17.28 8.27
C ALA A 55 -15.57 18.15 7.69
N LEU A 56 -15.86 19.44 7.58
CA LEU A 56 -14.91 20.39 7.04
C LEU A 56 -14.50 21.40 8.06
N ARG A 57 -13.37 22.04 7.82
CA ARG A 57 -12.87 23.04 8.73
C ARG A 57 -11.69 23.71 8.06
N VAL A 58 -11.64 25.02 8.17
CA VAL A 58 -10.57 25.82 7.57
C VAL A 58 -9.49 26.26 8.55
N GLN A 59 -8.24 26.16 8.13
CA GLN A 59 -7.12 26.56 8.95
C GLN A 59 -6.50 27.75 8.26
N LEU A 60 -6.28 28.84 8.98
CA LEU A 60 -5.71 30.04 8.37
C LEU A 60 -4.27 29.80 8.05
N ARG A 61 -3.55 30.85 7.62
CA ARG A 61 -2.15 30.66 7.26
C ARG A 61 -1.31 30.27 8.44
N GLU A 62 -0.30 29.42 8.16
CA GLU A 62 0.64 28.95 9.15
C GLU A 62 1.88 28.42 8.42
N GLN A 63 3.03 28.53 9.06
CA GLN A 63 4.29 28.10 8.46
C GLN A 63 4.54 26.59 8.43
N HIS A 64 4.06 25.89 9.45
CA HIS A 64 4.24 24.43 9.56
C HIS A 64 2.87 23.80 9.78
N LEU A 65 2.51 22.87 8.91
CA LEU A 65 1.19 22.29 8.92
C LEU A 65 0.36 21.97 10.12
N TYR A 66 0.82 21.16 11.06
CA TYR A 66 -0.11 20.87 12.14
C TYR A 66 0.33 21.32 13.50
N TYR A 67 1.36 22.14 13.56
CA TYR A 67 1.87 22.56 14.83
C TYR A 67 0.91 23.36 15.68
N GLN A 68 0.35 24.45 15.13
CA GLN A 68 -0.54 25.27 15.93
C GLN A 68 -1.92 25.54 15.32
N ASP A 69 -2.63 24.47 14.98
CA ASP A 69 -3.95 24.62 14.38
C ASP A 69 -4.88 25.45 15.25
N GLN A 70 -5.88 26.03 14.58
CA GLN A 70 -6.89 26.88 15.19
C GLN A 70 -7.98 26.81 14.13
N LEU A 71 -8.64 25.65 14.10
CA LEU A 71 -9.67 25.36 13.15
C LEU A 71 -10.96 26.18 13.22
N LEU A 72 -11.41 26.65 12.06
CA LEU A 72 -12.61 27.45 11.92
C LEU A 72 -13.68 26.70 11.14
N PRO A 73 -14.91 26.61 11.66
CA PRO A 73 -15.94 25.91 10.94
C PRO A 73 -16.41 26.73 9.77
N VAL A 74 -16.97 26.07 8.75
CA VAL A 74 -17.45 26.78 7.59
C VAL A 74 -18.96 26.88 7.61
N SER A 75 -19.44 28.11 7.45
CA SER A 75 -20.86 28.41 7.45
C SER A 75 -21.58 27.91 6.22
N ARG A 76 -20.99 28.10 5.05
CA ARG A 76 -21.66 27.69 3.83
C ARG A 76 -20.66 27.36 2.75
N ILE A 77 -21.01 26.40 1.92
CA ILE A 77 -20.17 25.96 0.83
C ILE A 77 -20.96 26.30 -0.41
N ILE A 78 -20.33 27.01 -1.34
CA ILE A 78 -21.01 27.40 -2.57
C ILE A 78 -20.13 26.98 -3.72
N VAL A 79 -20.50 25.89 -4.36
CA VAL A 79 -19.76 25.36 -5.49
C VAL A 79 -20.39 25.91 -6.75
N HIS A 80 -19.59 26.30 -7.73
CA HIS A 80 -20.12 26.83 -8.97
C HIS A 80 -21.09 25.83 -9.56
N PRO A 81 -22.25 26.30 -10.07
CA PRO A 81 -23.28 25.44 -10.67
C PRO A 81 -22.93 24.68 -11.92
N GLN A 82 -22.05 25.23 -12.74
CA GLN A 82 -21.70 24.53 -13.98
C GLN A 82 -20.60 23.51 -13.75
N PHE A 83 -20.17 23.35 -12.52
CA PHE A 83 -19.09 22.43 -12.25
C PHE A 83 -19.42 20.96 -12.20
N TYR A 84 -18.74 20.18 -13.01
CA TYR A 84 -18.91 18.75 -12.93
C TYR A 84 -17.55 18.05 -12.86
N THR A 85 -16.61 18.51 -13.68
CA THR A 85 -15.27 17.95 -13.76
C THR A 85 -14.31 19.09 -14.02
N ALA A 86 -13.09 18.95 -13.52
CA ALA A 86 -12.06 19.95 -13.72
C ALA A 86 -11.79 20.18 -15.22
N GLN A 87 -11.58 19.12 -16.02
CA GLN A 87 -11.29 19.25 -17.46
C GLN A 87 -12.38 20.01 -18.19
N ILE A 88 -13.59 19.90 -17.67
CA ILE A 88 -14.75 20.53 -18.25
C ILE A 88 -14.83 22.00 -17.89
N GLY A 89 -14.13 22.40 -16.83
CA GLY A 89 -14.10 23.80 -16.44
C GLY A 89 -14.96 24.14 -15.24
N ALA A 90 -14.96 25.42 -14.88
CA ALA A 90 -15.73 25.95 -13.76
C ALA A 90 -15.28 25.42 -12.44
N ASP A 91 -14.01 25.10 -12.33
CA ASP A 91 -13.48 24.56 -11.09
C ASP A 91 -13.25 25.70 -10.12
N ILE A 92 -14.32 26.21 -9.52
CA ILE A 92 -14.20 27.28 -8.54
C ILE A 92 -15.33 27.10 -7.55
N ALA A 93 -15.09 27.45 -6.28
CA ALA A 93 -16.10 27.33 -5.23
C ALA A 93 -15.74 28.28 -4.10
N LEU A 94 -16.74 28.73 -3.34
CA LEU A 94 -16.54 29.65 -2.21
C LEU A 94 -16.97 29.01 -0.88
N LEU A 95 -16.31 29.41 0.19
CA LEU A 95 -16.64 28.91 1.52
C LEU A 95 -16.86 30.12 2.42
N GLU A 96 -18.01 30.20 3.07
CA GLU A 96 -18.27 31.30 3.98
C GLU A 96 -17.93 30.79 5.37
N LEU A 97 -17.16 31.59 6.10
CA LEU A 97 -16.72 31.27 7.44
C LEU A 97 -17.88 31.56 8.36
N GLU A 98 -18.00 30.77 9.42
CA GLU A 98 -19.08 30.99 10.37
C GLU A 98 -18.87 32.38 10.95
N GLU A 99 -17.62 32.71 11.25
CA GLU A 99 -17.25 34.01 11.81
C GLU A 99 -16.10 34.62 11.03
N PRO A 100 -16.08 35.96 10.90
CA PRO A 100 -15.05 36.71 10.19
C PRO A 100 -13.67 36.45 10.79
N VAL A 101 -12.66 37.09 10.24
CA VAL A 101 -11.33 36.89 10.78
C VAL A 101 -10.76 38.23 11.15
N LYS A 102 -9.93 38.26 12.18
CA LYS A 102 -9.29 39.49 12.60
C LYS A 102 -8.00 39.56 11.78
N VAL A 103 -8.06 40.33 10.70
CA VAL A 103 -6.94 40.51 9.78
C VAL A 103 -5.72 41.15 10.43
N SER A 104 -4.55 40.81 9.90
CA SER A 104 -3.29 41.32 10.41
C SER A 104 -2.21 41.22 9.33
N SER A 105 -0.97 41.40 9.75
CA SER A 105 0.18 41.33 8.87
C SER A 105 0.43 39.90 8.42
N HIS A 106 0.18 38.97 9.32
CA HIS A 106 0.39 37.57 9.04
C HIS A 106 -0.82 36.89 8.43
N VAL A 107 -1.98 37.52 8.56
CA VAL A 107 -3.18 36.96 7.98
C VAL A 107 -4.19 38.02 7.53
N HIS A 108 -4.21 38.26 6.23
CA HIS A 108 -5.13 39.21 5.66
C HIS A 108 -5.44 38.74 4.26
N THR A 109 -6.41 39.38 3.64
CA THR A 109 -6.86 39.00 2.32
C THR A 109 -5.93 39.31 1.16
N VAL A 110 -6.30 38.74 0.00
CA VAL A 110 -5.60 38.87 -1.28
C VAL A 110 -6.52 39.66 -2.23
N THR A 111 -5.94 40.51 -3.06
CA THR A 111 -6.71 41.33 -3.98
C THR A 111 -7.06 40.54 -5.22
N LEU A 112 -8.35 40.47 -5.54
CA LEU A 112 -8.78 39.78 -6.74
C LEU A 112 -8.35 40.65 -7.90
N PRO A 113 -8.15 40.06 -9.07
CA PRO A 113 -7.72 40.87 -10.21
C PRO A 113 -8.86 41.62 -10.86
N PRO A 114 -8.54 42.66 -11.63
CA PRO A 114 -9.59 43.43 -12.30
C PRO A 114 -10.05 42.56 -13.46
N ALA A 115 -11.30 42.73 -13.89
CA ALA A 115 -11.86 41.92 -14.99
C ALA A 115 -11.11 42.03 -16.30
N SER A 116 -10.24 43.01 -16.39
CA SER A 116 -9.45 43.26 -17.59
C SER A 116 -8.15 42.46 -17.64
N GLU A 117 -7.46 42.31 -16.50
CA GLU A 117 -6.20 41.60 -16.46
C GLU A 117 -6.17 40.19 -17.01
N THR A 118 -5.23 39.98 -17.91
CA THR A 118 -5.07 38.71 -18.59
C THR A 118 -3.85 37.89 -18.16
N PHE A 119 -2.92 38.50 -17.44
CA PHE A 119 -1.72 37.84 -16.96
C PHE A 119 -1.01 37.14 -18.11
N PRO A 120 -0.44 37.92 -19.04
CA PRO A 120 0.28 37.38 -20.20
C PRO A 120 1.63 36.87 -19.79
N PRO A 121 2.29 36.08 -20.65
CA PRO A 121 3.61 35.54 -20.32
C PRO A 121 4.61 36.66 -20.02
N GLY A 122 5.40 36.46 -18.97
CA GLY A 122 6.37 37.46 -18.55
C GLY A 122 6.10 38.00 -17.14
N MET A 123 4.90 37.79 -16.64
CA MET A 123 4.52 38.24 -15.30
C MET A 123 5.16 37.37 -14.25
N PRO A 124 5.62 37.97 -13.16
CA PRO A 124 6.23 37.16 -12.10
C PRO A 124 5.06 36.56 -11.30
N CYS A 125 4.86 35.26 -11.38
CA CYS A 125 3.76 34.66 -10.64
C CYS A 125 4.26 33.54 -9.77
N TRP A 126 3.64 33.41 -8.60
CA TRP A 126 3.99 32.38 -7.63
C TRP A 126 2.78 31.51 -7.26
N VAL A 127 3.06 30.27 -6.89
CA VAL A 127 2.02 29.34 -6.49
C VAL A 127 2.46 28.96 -5.08
N THR A 128 1.50 28.74 -4.19
CA THR A 128 1.82 28.37 -2.82
C THR A 128 0.96 27.25 -2.27
N GLY A 129 1.57 26.39 -1.47
CA GLY A 129 0.85 25.28 -0.87
C GLY A 129 1.70 24.29 -0.09
N TRP A 130 1.04 23.29 0.47
CA TRP A 130 1.67 22.23 1.26
C TRP A 130 1.49 20.85 0.58
N GLY A 131 1.52 20.82 -0.74
CA GLY A 131 1.32 19.55 -1.43
C GLY A 131 2.59 18.78 -1.74
N ASP A 132 2.42 17.69 -2.48
CA ASP A 132 3.53 16.83 -2.86
C ASP A 132 4.66 17.63 -3.47
N VAL A 133 5.87 17.25 -3.08
CA VAL A 133 7.06 17.90 -3.58
C VAL A 133 7.55 17.25 -4.86
N ASP A 134 6.73 16.34 -5.38
CA ASP A 134 6.95 15.62 -6.66
C ASP A 134 5.91 14.51 -6.73
N ASN A 135 5.80 13.87 -7.89
CA ASN A 135 4.82 12.79 -8.05
C ASN A 135 4.99 11.75 -6.95
N ASP A 136 3.89 11.46 -6.25
CA ASP A 136 3.88 10.47 -5.17
C ASP A 136 4.89 10.74 -4.05
N GLU A 137 5.50 11.93 -4.07
CA GLU A 137 6.47 12.31 -3.05
C GLU A 137 5.76 13.31 -2.13
N ARG A 138 5.20 12.81 -1.03
CA ARG A 138 4.46 13.65 -0.10
C ARG A 138 5.36 14.59 0.71
N LEU A 139 4.86 15.78 1.02
CA LEU A 139 5.63 16.78 1.78
C LEU A 139 6.01 16.19 3.15
N PRO A 140 7.31 16.10 3.45
CA PRO A 140 7.78 15.56 4.72
C PRO A 140 7.57 16.49 5.91
N PRO A 141 7.31 15.91 7.10
CA PRO A 141 7.11 16.78 8.25
C PRO A 141 8.42 17.53 8.43
N PRO A 142 8.38 18.78 8.92
CA PRO A 142 7.32 19.50 9.63
C PRO A 142 6.31 20.21 8.75
N PHE A 143 6.21 19.81 7.49
CA PHE A 143 5.23 20.38 6.56
C PHE A 143 5.32 21.89 6.39
N PRO A 144 6.48 22.37 5.94
CA PRO A 144 6.68 23.80 5.72
C PRO A 144 5.87 24.24 4.51
N LEU A 145 5.37 25.47 4.55
CA LEU A 145 4.63 25.99 3.42
C LEU A 145 5.69 26.33 2.36
N LYS A 146 5.52 25.77 1.17
CA LYS A 146 6.49 26.02 0.11
C LYS A 146 5.87 26.94 -0.92
N GLN A 147 6.71 27.74 -1.58
CA GLN A 147 6.30 28.67 -2.62
C GLN A 147 7.18 28.35 -3.79
N VAL A 148 6.70 28.58 -5.01
CA VAL A 148 7.49 28.32 -6.21
C VAL A 148 7.08 29.36 -7.22
N LYS A 149 8.03 29.86 -8.00
CA LYS A 149 7.75 30.86 -9.03
C LYS A 149 7.53 30.19 -10.38
N VAL A 150 6.35 30.35 -10.97
CA VAL A 150 6.03 29.71 -12.25
C VAL A 150 5.85 30.64 -13.45
N PRO A 151 6.25 30.20 -14.65
CA PRO A 151 6.07 31.06 -15.82
C PRO A 151 4.70 30.84 -16.40
N ILE A 152 4.01 31.94 -16.69
CA ILE A 152 2.67 31.94 -17.25
C ILE A 152 2.72 31.56 -18.72
N MET A 153 1.66 30.92 -19.20
CA MET A 153 1.64 30.50 -20.57
C MET A 153 0.36 30.97 -21.22
N GLU A 154 0.44 31.30 -22.50
CA GLU A 154 -0.73 31.74 -23.20
C GLU A 154 -1.55 30.48 -23.49
N ASN A 155 -2.87 30.56 -23.31
CA ASN A 155 -3.76 29.42 -23.53
C ASN A 155 -3.64 28.67 -24.84
N HIS A 156 -3.36 29.35 -25.94
CA HIS A 156 -3.26 28.61 -27.19
C HIS A 156 -1.99 27.77 -27.31
N ILE A 157 -0.91 28.21 -26.68
CA ILE A 157 0.35 27.48 -26.71
C ILE A 157 0.23 26.39 -25.67
N CYS A 158 -0.49 26.70 -24.60
CA CYS A 158 -0.73 25.74 -23.54
C CYS A 158 -1.59 24.60 -24.09
N ASP A 159 -2.61 24.94 -24.87
CA ASP A 159 -3.49 23.94 -25.46
C ASP A 159 -2.70 23.10 -26.47
N ALA A 160 -1.84 23.76 -27.22
CA ALA A 160 -1.01 23.09 -28.21
C ALA A 160 -0.08 22.09 -27.54
N LYS A 161 0.62 22.51 -26.49
CA LYS A 161 1.52 21.63 -25.77
C LYS A 161 0.74 20.40 -25.32
N TYR A 162 -0.44 20.63 -24.77
CA TYR A 162 -1.30 19.53 -24.30
C TYR A 162 -1.68 18.51 -25.38
N HIS A 163 -1.74 18.92 -26.63
CA HIS A 163 -2.06 18.01 -27.74
C HIS A 163 -0.88 17.17 -28.19
N LEU A 164 0.33 17.59 -27.80
CA LEU A 164 1.54 16.86 -28.16
C LEU A 164 1.50 15.53 -27.43
N GLY A 165 1.72 14.46 -28.17
CA GLY A 165 1.72 13.15 -27.55
C GLY A 165 0.32 12.61 -27.27
N ALA A 166 -0.72 13.38 -27.59
CA ALA A 166 -2.09 12.95 -27.36
C ALA A 166 -2.79 12.67 -28.68
N TYR A 167 -3.67 11.66 -28.68
CA TYR A 167 -4.46 11.26 -29.85
C TYR A 167 -5.55 12.31 -30.12
N THR A 168 -5.84 13.16 -29.13
CA THR A 168 -6.88 14.17 -29.24
C THR A 168 -6.64 15.19 -30.36
N GLY A 169 -7.53 15.20 -31.34
CA GLY A 169 -7.44 16.13 -32.45
C GLY A 169 -7.32 17.58 -32.03
N ASP A 170 -6.66 18.37 -32.88
CA ASP A 170 -6.45 19.78 -32.61
C ASP A 170 -7.70 20.64 -32.59
N ASP A 171 -8.77 20.20 -33.28
CA ASP A 171 -10.02 20.96 -33.27
C ASP A 171 -10.76 20.78 -31.93
N VAL A 172 -10.13 20.06 -31.02
CA VAL A 172 -10.70 19.82 -29.72
C VAL A 172 -9.94 20.66 -28.68
N ARG A 173 -10.58 21.69 -28.15
CA ARG A 173 -9.94 22.52 -27.16
C ARG A 173 -9.81 21.72 -25.88
N ILE A 174 -8.57 21.50 -25.44
CA ILE A 174 -8.35 20.78 -24.20
C ILE A 174 -8.30 21.83 -23.10
N VAL A 175 -7.58 22.91 -23.36
CA VAL A 175 -7.48 23.97 -22.37
C VAL A 175 -8.51 25.07 -22.64
N ARG A 176 -9.64 25.01 -21.95
CA ARG A 176 -10.72 25.99 -22.10
C ARG A 176 -10.31 27.45 -21.83
N ASP A 177 -11.22 28.40 -22.06
CA ASP A 177 -10.91 29.82 -21.84
C ASP A 177 -11.03 30.27 -20.41
N ASP A 178 -11.71 29.49 -19.59
CA ASP A 178 -11.86 29.82 -18.18
C ASP A 178 -10.72 29.19 -17.41
N MET A 179 -9.65 28.84 -18.12
CA MET A 179 -8.50 28.21 -17.52
C MET A 179 -7.28 29.04 -17.89
N LEU A 180 -6.23 28.88 -17.11
CA LEU A 180 -4.97 29.59 -17.30
C LEU A 180 -3.83 28.58 -17.07
N CYS A 181 -2.66 28.83 -17.64
CA CYS A 181 -1.55 27.92 -17.47
C CYS A 181 -0.34 28.57 -16.88
N ALA A 182 0.44 27.76 -16.18
CA ALA A 182 1.66 28.20 -15.56
C ALA A 182 2.45 26.96 -15.21
N GLY A 183 3.77 27.07 -15.29
CA GLY A 183 4.61 25.95 -14.94
C GLY A 183 5.52 25.41 -16.01
N ASN A 184 6.44 24.56 -15.58
CA ASN A 184 7.40 23.90 -16.45
C ASN A 184 7.92 22.64 -15.77
N THR A 185 8.79 21.95 -16.48
CA THR A 185 9.39 20.70 -16.03
C THR A 185 10.07 20.69 -14.66
N ARG A 186 10.43 21.86 -14.14
CA ARG A 186 11.10 21.89 -12.87
C ARG A 186 10.40 22.78 -11.87
N ARG A 187 9.24 23.33 -12.23
CA ARG A 187 8.50 24.20 -11.34
C ARG A 187 7.02 24.11 -11.65
N ASP A 188 6.21 23.80 -10.63
CA ASP A 188 4.78 23.63 -10.80
C ASP A 188 4.12 23.29 -9.46
N SER A 189 2.79 23.29 -9.41
CA SER A 189 2.06 22.92 -8.21
C SER A 189 1.92 21.40 -8.31
N CYS A 190 1.43 20.74 -7.28
CA CYS A 190 1.31 19.31 -7.34
C CYS A 190 0.16 18.90 -6.42
N GLN A 191 -0.05 17.60 -6.29
CA GLN A 191 -1.15 17.05 -5.47
C GLN A 191 -1.25 17.70 -4.10
N GLY A 192 -2.44 18.09 -3.69
CA GLY A 192 -2.58 18.70 -2.39
C GLY A 192 -2.50 20.22 -2.41
N ASP A 193 -2.08 20.77 -3.56
CA ASP A 193 -2.00 22.21 -3.77
C ASP A 193 -3.33 22.73 -4.33
N SER A 194 -4.16 21.82 -4.83
CA SER A 194 -5.46 22.14 -5.41
C SER A 194 -6.21 23.08 -4.53
N GLY A 195 -6.91 24.02 -5.16
CA GLY A 195 -7.65 25.00 -4.40
C GLY A 195 -6.75 26.13 -3.94
N GLY A 196 -5.45 26.01 -4.19
CA GLY A 196 -4.48 27.03 -3.79
C GLY A 196 -4.44 28.24 -4.71
N PRO A 197 -3.77 29.33 -4.29
CA PRO A 197 -3.73 30.52 -5.14
C PRO A 197 -2.48 30.71 -5.98
N LEU A 198 -2.67 31.08 -7.25
CA LEU A 198 -1.55 31.42 -8.11
C LEU A 198 -1.65 32.94 -8.07
N VAL A 199 -0.68 33.60 -7.47
CA VAL A 199 -0.72 35.06 -7.41
C VAL A 199 0.44 35.67 -8.21
N CYS A 200 0.23 36.85 -8.77
CA CYS A 200 1.26 37.52 -9.54
C CYS A 200 1.34 38.95 -9.04
N LYS A 201 2.49 39.58 -9.21
CA LYS A 201 2.62 40.97 -8.80
C LYS A 201 2.36 41.80 -10.04
N VAL A 202 1.21 42.46 -10.05
CA VAL A 202 0.80 43.30 -11.17
C VAL A 202 0.80 44.73 -10.68
N ASN A 203 1.76 45.49 -11.18
CA ASN A 203 1.91 46.88 -10.81
C ASN A 203 2.12 47.02 -9.28
N GLY A 204 3.17 46.38 -8.78
CA GLY A 204 3.46 46.45 -7.36
C GLY A 204 2.45 45.84 -6.40
N THR A 205 1.51 45.03 -6.92
CA THR A 205 0.51 44.44 -6.04
C THR A 205 0.17 42.99 -6.39
N TRP A 206 -0.10 42.19 -5.36
CA TRP A 206 -0.44 40.80 -5.53
C TRP A 206 -1.89 40.61 -5.83
N LEU A 207 -2.15 40.07 -7.01
CA LEU A 207 -3.49 39.78 -7.46
C LEU A 207 -3.54 38.27 -7.64
N GLN A 208 -4.73 37.70 -7.50
CA GLN A 208 -4.83 36.27 -7.66
C GLN A 208 -5.35 35.99 -9.05
N ALA A 209 -4.46 35.47 -9.89
CA ALA A 209 -4.79 35.16 -11.27
C ALA A 209 -5.59 33.89 -11.38
N GLY A 210 -5.15 32.86 -10.66
CA GLY A 210 -5.80 31.57 -10.71
C GLY A 210 -5.84 30.74 -9.44
N VAL A 211 -6.67 29.70 -9.49
CA VAL A 211 -6.84 28.78 -8.39
C VAL A 211 -6.35 27.43 -8.92
N VAL A 212 -5.38 26.82 -8.22
CA VAL A 212 -4.82 25.54 -8.62
C VAL A 212 -5.88 24.51 -8.97
N SER A 213 -6.12 24.27 -10.26
CA SER A 213 -7.15 23.31 -10.67
C SER A 213 -6.68 21.87 -10.99
N TRP A 214 -6.15 21.66 -12.19
CA TRP A 214 -5.71 20.32 -12.59
C TRP A 214 -4.37 20.29 -13.32
N GLY A 215 -4.12 19.21 -14.04
CA GLY A 215 -2.89 19.05 -14.79
C GLY A 215 -2.70 17.57 -15.08
N GLU A 216 -1.76 17.21 -15.94
CA GLU A 216 -1.55 15.81 -16.22
C GLU A 216 -0.34 15.33 -15.43
N GLY A 217 -0.42 15.41 -14.11
CA GLY A 217 0.70 15.00 -13.27
C GLY A 217 1.38 16.24 -12.70
N CYS A 218 2.62 16.11 -12.26
CA CYS A 218 3.35 17.24 -11.70
C CYS A 218 4.69 17.48 -12.40
N ALA A 219 4.92 18.71 -12.85
CA ALA A 219 6.17 19.08 -13.54
C ALA A 219 6.55 18.16 -14.69
N GLN A 220 5.55 17.75 -15.46
CA GLN A 220 5.77 16.90 -16.61
C GLN A 220 5.91 17.77 -17.82
N PRO A 221 6.79 17.39 -18.74
CA PRO A 221 7.02 18.17 -19.96
C PRO A 221 5.77 18.17 -20.87
N ASN A 222 5.41 19.35 -21.36
CA ASN A 222 4.25 19.54 -22.26
C ASN A 222 2.87 19.42 -21.64
N ARG A 223 2.83 19.38 -20.32
CA ARG A 223 1.59 19.28 -19.57
C ARG A 223 1.69 20.30 -18.46
N PRO A 224 1.69 21.59 -18.81
CA PRO A 224 1.79 22.61 -17.76
C PRO A 224 0.59 22.60 -16.82
N GLY A 225 0.70 23.32 -15.71
CA GLY A 225 -0.36 23.38 -14.73
C GLY A 225 -1.56 24.20 -15.19
N ILE A 226 -2.76 23.69 -14.94
CA ILE A 226 -3.97 24.40 -15.32
C ILE A 226 -4.58 25.00 -14.04
N TYR A 227 -4.93 26.27 -14.10
CA TYR A 227 -5.50 26.95 -12.94
C TYR A 227 -6.80 27.60 -13.42
N THR A 228 -7.72 27.86 -12.51
CA THR A 228 -8.97 28.49 -12.90
C THR A 228 -8.67 29.95 -13.06
N ARG A 229 -9.01 30.50 -14.22
CA ARG A 229 -8.78 31.91 -14.48
C ARG A 229 -9.81 32.63 -13.62
N VAL A 230 -9.36 33.38 -12.61
CA VAL A 230 -10.25 34.08 -11.71
C VAL A 230 -11.10 35.17 -12.35
N THR A 231 -10.49 36.02 -13.18
CA THR A 231 -11.24 37.12 -13.84
C THR A 231 -12.54 36.65 -14.53
N TYR A 232 -12.54 35.40 -14.98
CA TYR A 232 -13.69 34.80 -15.67
C TYR A 232 -14.91 34.68 -14.76
N TYR A 233 -14.64 34.32 -13.52
CA TYR A 233 -15.68 34.12 -12.52
C TYR A 233 -15.77 35.27 -11.56
N LEU A 234 -15.14 36.39 -11.93
CA LEU A 234 -15.15 37.58 -11.09
C LEU A 234 -16.57 37.98 -10.72
N ASP A 235 -17.46 38.04 -11.71
CA ASP A 235 -18.87 38.38 -11.47
C ASP A 235 -19.50 37.49 -10.41
N TRP A 236 -19.49 36.18 -10.68
CA TRP A 236 -20.06 35.18 -9.78
C TRP A 236 -19.53 35.31 -8.35
N ILE A 237 -18.22 35.47 -8.21
CA ILE A 237 -17.60 35.64 -6.91
C ILE A 237 -18.31 36.76 -6.22
N HIS A 238 -18.38 37.90 -6.91
CA HIS A 238 -19.01 39.08 -6.35
C HIS A 238 -20.46 38.98 -6.03
N HIS A 239 -21.14 38.01 -6.63
CA HIS A 239 -22.54 37.86 -6.33
C HIS A 239 -22.70 37.44 -4.88
N TYR A 240 -21.67 36.79 -4.33
CA TYR A 240 -21.68 36.33 -2.96
C TYR A 240 -20.76 37.12 -2.04
N VAL A 241 -19.61 37.53 -2.58
CA VAL A 241 -18.62 38.29 -1.84
C VAL A 241 -18.74 39.80 -2.02
N PRO A 242 -19.08 40.52 -0.94
CA PRO A 242 -19.21 41.97 -1.05
C PRO A 242 -17.84 42.62 -1.34
N LYS A 243 -17.88 43.80 -1.95
CA LYS A 243 -16.67 44.55 -2.27
C LYS A 243 -16.11 45.23 -1.00
N LYS A 244 -15.03 44.64 -0.45
CA LYS A 244 -14.32 45.07 0.77
C LYS A 244 -14.73 44.27 2.02
N ILE B 1 2.23 4.53 21.60
CA ILE B 1 1.71 4.33 22.94
C ILE B 1 0.20 4.08 22.89
N VAL B 2 -0.18 2.82 23.02
CA VAL B 2 -1.61 2.44 23.00
C VAL B 2 -2.16 2.86 24.35
N GLY B 3 -3.15 3.77 24.31
CA GLY B 3 -3.74 4.30 25.52
C GLY B 3 -2.93 5.56 25.89
N GLY B 4 -2.90 5.89 27.16
CA GLY B 4 -2.14 7.05 27.59
C GLY B 4 -2.52 8.36 26.95
N GLN B 5 -1.82 9.42 27.37
CA GLN B 5 -2.07 10.77 26.91
C GLN B 5 -0.75 11.43 26.51
N GLU B 6 -0.85 12.69 26.14
CA GLU B 6 0.28 13.49 25.73
C GLU B 6 1.01 13.90 26.99
N ALA B 7 2.30 13.62 27.03
CA ALA B 7 3.14 13.91 28.19
C ALA B 7 3.41 15.40 28.34
N PRO B 8 3.36 15.91 29.59
CA PRO B 8 3.59 17.32 29.91
C PRO B 8 4.93 17.76 29.35
N ARG B 9 5.02 19.05 29.03
CA ARG B 9 6.22 19.59 28.43
C ARG B 9 7.48 19.50 29.29
N SER B 10 7.38 18.82 30.42
CA SER B 10 8.53 18.68 31.30
C SER B 10 8.52 17.37 32.08
N LYS B 11 7.98 16.33 31.49
CA LYS B 11 7.92 15.07 32.20
C LYS B 11 8.98 14.03 31.92
N TRP B 12 9.50 14.00 30.70
CA TRP B 12 10.49 12.98 30.44
C TRP B 12 11.70 13.55 29.75
N PRO B 13 12.55 14.25 30.52
CA PRO B 13 13.77 14.88 30.04
C PRO B 13 14.78 13.92 29.41
N TRP B 14 14.68 12.64 29.80
CA TRP B 14 15.57 11.62 29.29
C TRP B 14 15.17 11.03 27.96
N GLN B 15 14.01 11.44 27.44
CA GLN B 15 13.49 10.92 26.19
C GLN B 15 14.30 11.40 25.00
N VAL B 16 14.45 10.52 24.01
CA VAL B 16 15.13 10.87 22.78
C VAL B 16 14.51 10.10 21.63
N SER B 17 14.72 10.60 20.43
CA SER B 17 14.19 10.03 19.20
C SER B 17 15.38 9.66 18.34
N LEU B 18 15.40 8.43 17.84
CA LEU B 18 16.48 8.00 16.98
C LEU B 18 16.01 8.27 15.56
N ARG B 19 16.88 8.82 14.72
CA ARG B 19 16.51 9.14 13.36
C ARG B 19 17.40 8.53 12.29
N VAL B 20 16.78 8.05 11.21
CA VAL B 20 17.52 7.49 10.09
C VAL B 20 17.36 8.50 9.00
N HIS B 21 18.42 8.69 8.24
CA HIS B 21 18.36 9.62 7.14
C HIS B 21 17.50 9.03 6.05
N GLY B 22 16.30 9.56 5.86
CA GLY B 22 15.42 9.09 4.81
C GLY B 22 15.35 10.11 3.68
N PRO B 23 14.17 10.32 3.08
CA PRO B 23 13.81 11.63 2.51
C PRO B 23 13.98 12.69 3.57
N TYR B 24 13.80 12.28 4.82
CA TYR B 24 13.98 13.16 5.95
C TYR B 24 14.36 12.28 7.13
N TRP B 25 14.96 12.88 8.14
CA TRP B 25 15.36 12.14 9.31
C TRP B 25 14.14 11.65 10.06
N MET B 26 13.63 10.47 9.70
CA MET B 26 12.45 9.95 10.36
C MET B 26 12.68 9.15 11.65
N HIS B 27 11.85 9.42 12.66
CA HIS B 27 11.97 8.73 13.95
C HIS B 27 11.73 7.27 13.71
N PHE B 28 12.63 6.40 14.17
CA PHE B 28 12.42 4.98 14.02
C PHE B 28 12.40 4.21 15.37
N CYS B 29 12.85 4.88 16.43
CA CYS B 29 12.91 4.28 17.76
C CYS B 29 13.14 5.36 18.80
N GLY B 30 12.88 4.99 20.05
CA GLY B 30 13.08 5.91 21.15
C GLY B 30 14.26 5.39 21.95
N GLY B 31 14.72 6.21 22.88
CA GLY B 31 15.84 5.83 23.72
C GLY B 31 15.84 6.73 24.92
N SER B 32 16.86 6.61 25.75
CA SER B 32 16.94 7.43 26.93
C SER B 32 18.36 7.86 27.15
N LEU B 33 18.51 9.03 27.74
CA LEU B 33 19.81 9.58 28.04
C LEU B 33 20.21 9.04 29.43
N ILE B 34 21.13 8.10 29.49
CA ILE B 34 21.55 7.51 30.76
C ILE B 34 22.84 8.11 31.30
N HIS B 35 23.39 9.05 30.54
CA HIS B 35 24.62 9.75 30.87
C HIS B 35 24.73 10.81 29.78
N PRO B 36 25.22 12.01 30.13
CA PRO B 36 25.36 13.11 29.19
C PRO B 36 26.04 12.81 27.84
N GLN B 37 26.50 11.59 27.62
CA GLN B 37 27.17 11.30 26.36
C GLN B 37 26.83 9.92 25.81
N TRP B 38 25.87 9.25 26.42
CA TRP B 38 25.49 7.93 25.99
C TRP B 38 23.98 7.82 25.99
N VAL B 39 23.46 7.09 25.03
CA VAL B 39 22.03 6.87 24.95
C VAL B 39 21.87 5.36 24.95
N LEU B 40 20.89 4.90 25.72
CA LEU B 40 20.60 3.49 25.81
C LEU B 40 19.35 3.24 24.93
N THR B 41 19.35 2.15 24.18
CA THR B 41 18.21 1.84 23.33
C THR B 41 18.24 0.35 23.08
N ALA B 42 17.15 -0.17 22.51
CA ALA B 42 17.03 -1.60 22.21
C ALA B 42 17.94 -1.89 21.03
N ALA B 43 18.67 -2.99 21.13
CA ALA B 43 19.60 -3.37 20.09
C ALA B 43 18.89 -3.54 18.76
N HIS B 44 17.76 -4.23 18.76
CA HIS B 44 17.07 -4.47 17.49
C HIS B 44 16.80 -3.23 16.66
N CYS B 45 16.85 -2.04 17.28
CA CYS B 45 16.61 -0.79 16.56
C CYS B 45 17.80 -0.48 15.68
N VAL B 46 18.99 -0.92 16.09
CA VAL B 46 20.21 -0.65 15.35
C VAL B 46 21.01 -1.88 14.95
N GLY B 47 20.42 -3.06 15.05
CA GLY B 47 21.13 -4.27 14.70
C GLY B 47 20.20 -5.41 14.35
N PRO B 48 20.70 -6.65 14.21
CA PRO B 48 22.09 -7.09 14.35
C PRO B 48 22.99 -6.74 13.16
N ASP B 49 22.38 -6.35 12.04
CA ASP B 49 23.11 -5.97 10.85
C ASP B 49 23.73 -4.60 11.07
N VAL B 50 25.03 -4.49 10.82
CA VAL B 50 25.78 -3.26 11.02
C VAL B 50 25.17 -2.07 10.30
N LYS B 51 25.06 -0.97 11.02
CA LYS B 51 24.49 0.29 10.54
C LYS B 51 25.59 1.33 10.31
N ASP B 52 25.32 2.31 9.46
CA ASP B 52 26.29 3.37 9.19
C ASP B 52 25.91 4.59 10.02
N LEU B 53 26.82 5.03 10.89
CA LEU B 53 26.58 6.17 11.76
C LEU B 53 26.24 7.46 11.03
N ALA B 54 26.69 7.59 9.79
CA ALA B 54 26.40 8.80 9.03
C ALA B 54 24.92 8.93 8.71
N ALA B 55 24.17 7.83 8.86
CA ALA B 55 22.74 7.78 8.56
C ALA B 55 21.87 7.85 9.78
N LEU B 56 22.48 7.71 10.94
CA LEU B 56 21.77 7.74 12.20
C LEU B 56 22.02 9.10 12.82
N ARG B 57 21.10 9.52 13.67
CA ARG B 57 21.25 10.78 14.34
C ARG B 57 20.27 10.75 15.51
N VAL B 58 20.69 11.34 16.64
CA VAL B 58 19.87 11.37 17.85
C VAL B 58 19.23 12.74 18.10
N GLN B 59 17.92 12.77 18.27
CA GLN B 59 17.25 14.03 18.56
C GLN B 59 16.88 13.92 20.01
N LEU B 60 17.17 14.96 20.79
CA LEU B 60 16.85 14.94 22.22
C LEU B 60 15.35 15.16 22.47
N ARG B 61 14.94 15.13 23.74
CA ARG B 61 13.53 15.29 24.10
C ARG B 61 12.89 16.47 23.41
N GLU B 62 11.77 16.22 22.73
CA GLU B 62 11.04 17.30 22.07
C GLU B 62 9.57 16.92 22.12
N GLN B 63 8.75 17.90 22.50
CA GLN B 63 7.30 17.72 22.64
C GLN B 63 6.56 17.28 21.40
N HIS B 64 6.98 17.78 20.24
CA HIS B 64 6.36 17.42 18.96
C HIS B 64 7.44 16.97 17.99
N LEU B 65 7.30 15.74 17.51
CA LEU B 65 8.30 15.09 16.67
C LEU B 65 9.18 15.69 15.59
N TYR B 66 8.79 16.75 14.91
CA TYR B 66 9.71 17.23 13.90
C TYR B 66 9.81 18.72 13.84
N TYR B 67 9.01 19.36 14.68
CA TYR B 67 8.91 20.80 14.67
C TYR B 67 10.14 21.60 14.93
N GLN B 68 10.86 21.28 15.98
CA GLN B 68 12.06 22.05 16.26
C GLN B 68 13.25 21.12 16.47
N ASP B 69 13.59 20.39 15.41
CA ASP B 69 14.69 19.44 15.42
C ASP B 69 16.04 20.07 15.68
N GLN B 70 16.93 19.27 16.27
CA GLN B 70 18.28 19.68 16.60
C GLN B 70 19.02 18.36 16.70
N LEU B 71 19.27 17.77 15.54
CA LEU B 71 19.91 16.47 15.43
C LEU B 71 21.39 16.43 15.81
N LEU B 72 21.75 15.43 16.62
CA LEU B 72 23.11 15.23 17.08
C LEU B 72 23.68 13.93 16.47
N PRO B 73 24.92 13.96 15.99
CA PRO B 73 25.51 12.75 15.40
C PRO B 73 26.07 11.80 16.47
N VAL B 74 26.20 10.52 16.11
CA VAL B 74 26.73 9.52 17.02
C VAL B 74 28.16 9.20 16.66
N SER B 75 28.95 8.94 17.70
CA SER B 75 30.37 8.65 17.60
C SER B 75 30.65 7.15 17.58
N ARG B 76 29.80 6.39 18.25
CA ARG B 76 30.05 4.98 18.32
C ARG B 76 28.74 4.32 18.69
N ILE B 77 28.58 3.08 18.23
CA ILE B 77 27.40 2.28 18.51
C ILE B 77 27.86 0.95 19.09
N ILE B 78 27.39 0.59 20.27
CA ILE B 78 27.81 -0.67 20.88
C ILE B 78 26.64 -1.62 21.12
N VAL B 79 26.55 -2.63 20.27
CA VAL B 79 25.48 -3.62 20.36
C VAL B 79 25.97 -4.79 21.21
N HIS B 80 25.15 -5.21 22.16
CA HIS B 80 25.52 -6.34 22.99
C HIS B 80 25.75 -7.50 22.03
N PRO B 81 26.93 -8.14 22.09
CA PRO B 81 27.30 -9.27 21.25
C PRO B 81 26.41 -10.50 21.22
N GLN B 82 25.61 -10.70 22.26
CA GLN B 82 24.74 -11.86 22.29
C GLN B 82 23.48 -11.65 21.51
N PHE B 83 23.22 -10.42 21.10
CA PHE B 83 22.02 -10.09 20.35
C PHE B 83 21.98 -10.56 18.92
N TYR B 84 20.81 -10.99 18.51
CA TYR B 84 20.54 -11.40 17.17
C TYR B 84 19.04 -11.29 16.99
N THR B 85 18.29 -11.68 18.02
CA THR B 85 16.84 -11.62 17.99
C THR B 85 16.31 -11.20 19.36
N ALA B 86 15.20 -10.46 19.35
CA ALA B 86 14.56 -10.02 20.57
C ALA B 86 14.03 -11.22 21.35
N GLN B 87 13.32 -12.13 20.67
CA GLN B 87 12.76 -13.31 21.34
C GLN B 87 13.87 -14.13 21.99
N ILE B 88 15.06 -14.03 21.42
CA ILE B 88 16.22 -14.73 21.93
C ILE B 88 16.83 -13.98 23.12
N GLY B 89 16.77 -12.63 23.11
CA GLY B 89 17.29 -11.85 24.23
C GLY B 89 18.43 -10.85 23.99
N ALA B 90 18.97 -10.32 25.08
CA ALA B 90 20.07 -9.36 25.07
C ALA B 90 19.79 -8.19 24.17
N ASP B 91 18.53 -7.74 24.14
CA ASP B 91 18.13 -6.62 23.29
C ASP B 91 18.54 -5.35 23.97
N ILE B 92 19.79 -4.97 23.75
CA ILE B 92 20.29 -3.75 24.35
C ILE B 92 21.52 -3.27 23.59
N ALA B 93 21.60 -1.95 23.40
CA ALA B 93 22.71 -1.31 22.70
C ALA B 93 22.86 0.10 23.22
N LEU B 94 24.05 0.66 23.01
CA LEU B 94 24.38 2.00 23.48
C LEU B 94 24.88 2.85 22.32
N LEU B 95 24.45 4.10 22.26
CA LEU B 95 24.91 5.00 21.22
C LEU B 95 25.70 6.05 21.96
N GLU B 96 26.94 6.28 21.55
CA GLU B 96 27.77 7.28 22.20
C GLU B 96 27.63 8.55 21.36
N LEU B 97 27.26 9.67 21.99
CA LEU B 97 27.10 10.93 21.26
C LEU B 97 28.48 11.49 20.95
N GLU B 98 28.59 12.23 19.85
CA GLU B 98 29.89 12.80 19.47
C GLU B 98 30.37 13.76 20.52
N GLU B 99 29.44 14.46 21.16
CA GLU B 99 29.77 15.42 22.21
C GLU B 99 28.75 15.31 23.34
N PRO B 100 29.18 15.62 24.58
CA PRO B 100 28.33 15.57 25.77
C PRO B 100 27.34 16.71 25.66
N VAL B 101 26.13 16.47 26.17
CA VAL B 101 25.10 17.50 26.13
C VAL B 101 25.23 18.44 27.33
N LYS B 102 24.43 19.49 27.34
CA LYS B 102 24.42 20.43 28.45
C LYS B 102 23.07 20.14 29.09
N VAL B 103 23.06 19.25 30.08
CA VAL B 103 21.81 18.88 30.73
C VAL B 103 21.14 20.07 31.43
N SER B 104 19.81 20.02 31.52
CA SER B 104 19.04 21.08 32.16
C SER B 104 17.78 20.47 32.76
N SER B 105 16.87 21.32 33.23
CA SER B 105 15.63 20.85 33.81
C SER B 105 14.77 20.03 32.85
N HIS B 106 14.76 20.44 31.57
CA HIS B 106 13.97 19.75 30.54
C HIS B 106 14.69 18.62 29.85
N VAL B 107 16.03 18.67 29.85
CA VAL B 107 16.82 17.63 29.19
C VAL B 107 18.00 17.17 30.03
N HIS B 108 17.83 16.03 30.68
CA HIS B 108 18.90 15.46 31.47
C HIS B 108 18.73 13.96 31.57
N THR B 109 19.68 13.31 32.21
CA THR B 109 19.71 11.87 32.36
C THR B 109 18.68 11.24 33.32
N VAL B 110 18.47 9.93 33.20
CA VAL B 110 17.57 9.17 34.07
C VAL B 110 18.48 8.32 34.96
N THR B 111 17.96 7.80 36.05
CA THR B 111 18.80 7.00 36.94
C THR B 111 18.62 5.51 36.68
N LEU B 112 19.73 4.77 36.60
CA LEU B 112 19.69 3.31 36.36
C LEU B 112 19.43 2.57 37.66
N PRO B 113 18.46 1.64 37.68
CA PRO B 113 18.17 0.89 38.91
C PRO B 113 19.32 0.11 39.50
N PRO B 114 19.44 0.10 40.84
CA PRO B 114 20.51 -0.64 41.50
C PRO B 114 20.31 -2.15 41.25
N ALA B 115 21.43 -2.88 41.17
CA ALA B 115 21.41 -4.34 40.93
C ALA B 115 20.32 -5.09 41.68
N SER B 116 20.06 -4.63 42.90
CA SER B 116 19.06 -5.21 43.79
C SER B 116 17.63 -5.08 43.26
N GLU B 117 17.24 -3.85 42.92
CA GLU B 117 15.90 -3.57 42.47
C GLU B 117 15.26 -4.60 41.59
N THR B 118 14.05 -4.96 41.94
CA THR B 118 13.30 -5.99 41.24
C THR B 118 12.08 -5.53 40.46
N PHE B 119 11.37 -4.54 40.99
CA PHE B 119 10.13 -4.01 40.40
C PHE B 119 9.03 -5.04 40.51
N PRO B 120 8.38 -5.09 41.68
CA PRO B 120 7.29 -6.00 42.01
C PRO B 120 6.00 -5.67 41.29
N PRO B 121 5.14 -6.68 41.11
CA PRO B 121 3.85 -6.54 40.42
C PRO B 121 2.99 -5.41 41.00
N GLY B 122 2.60 -4.49 40.12
CA GLY B 122 1.79 -3.36 40.52
C GLY B 122 2.56 -2.06 40.51
N MET B 123 3.88 -2.15 40.38
CA MET B 123 4.71 -0.96 40.35
C MET B 123 4.14 0.20 39.49
N PRO B 124 4.32 1.43 39.98
CA PRO B 124 3.83 2.59 39.24
C PRO B 124 4.84 2.87 38.14
N CYS B 125 4.79 2.07 37.08
CA CYS B 125 5.71 2.28 35.99
C CYS B 125 5.02 2.92 34.82
N TRP B 126 5.80 3.67 34.04
CA TRP B 126 5.31 4.40 32.88
C TRP B 126 6.15 4.14 31.64
N VAL B 127 5.51 4.15 30.47
CA VAL B 127 6.23 3.97 29.20
C VAL B 127 5.95 5.25 28.39
N THR B 128 6.93 5.75 27.66
CA THR B 128 6.72 6.96 26.89
C THR B 128 7.33 6.84 25.48
N GLY B 129 6.62 7.35 24.47
CA GLY B 129 7.14 7.26 23.12
C GLY B 129 6.26 7.91 22.07
N TRP B 130 6.74 7.94 20.84
CA TRP B 130 5.99 8.54 19.74
C TRP B 130 5.64 7.41 18.78
N GLY B 131 5.28 6.25 19.31
CA GLY B 131 4.97 5.15 18.43
C GLY B 131 3.49 5.06 18.15
N ASP B 132 3.09 4.03 17.42
CA ASP B 132 1.70 3.79 17.04
C ASP B 132 0.79 3.85 18.25
N VAL B 133 -0.41 4.36 18.03
CA VAL B 133 -1.40 4.52 19.10
C VAL B 133 -2.31 3.32 19.20
N ASP B 134 -2.11 2.38 18.29
CA ASP B 134 -2.87 1.13 18.25
C ASP B 134 -2.26 0.34 17.11
N ASN B 135 -2.51 -0.98 17.05
CA ASN B 135 -1.94 -1.79 15.97
C ASN B 135 -2.31 -1.14 14.64
N ASP B 136 -1.30 -0.83 13.85
CA ASP B 136 -1.49 -0.22 12.53
C ASP B 136 -2.21 1.13 12.54
N GLU B 137 -2.18 1.83 13.66
CA GLU B 137 -2.80 3.16 13.75
C GLU B 137 -1.65 4.06 14.16
N ARG B 138 -1.06 4.72 13.18
CA ARG B 138 0.06 5.58 13.44
C ARG B 138 -0.31 6.84 14.23
N LEU B 139 0.67 7.38 14.95
CA LEU B 139 0.46 8.60 15.74
C LEU B 139 0.33 9.72 14.74
N PRO B 140 -0.85 10.35 14.70
CA PRO B 140 -1.06 11.43 13.75
C PRO B 140 -0.33 12.68 14.15
N PRO B 141 0.01 13.52 13.16
CA PRO B 141 0.71 14.78 13.43
C PRO B 141 -0.20 15.62 14.34
N PRO B 142 0.37 16.46 15.23
CA PRO B 142 1.74 17.00 15.30
C PRO B 142 2.73 16.10 16.06
N PHE B 143 2.40 14.83 16.22
CA PHE B 143 3.28 13.88 16.88
C PHE B 143 3.62 14.25 18.31
N PRO B 144 2.62 14.30 19.17
CA PRO B 144 2.91 14.64 20.56
C PRO B 144 3.60 13.47 21.23
N LEU B 145 4.42 13.74 22.25
CA LEU B 145 5.07 12.64 22.95
C LEU B 145 3.99 12.10 23.88
N LYS B 146 3.71 10.80 23.80
CA LYS B 146 2.69 10.20 24.64
C LYS B 146 3.29 9.36 25.77
N GLN B 147 2.51 9.18 26.83
CA GLN B 147 2.91 8.39 28.00
C GLN B 147 1.71 7.54 28.43
N VAL B 148 1.96 6.49 29.18
CA VAL B 148 0.90 5.63 29.66
C VAL B 148 1.40 4.92 30.92
N LYS B 149 0.51 4.67 31.87
CA LYS B 149 0.90 3.98 33.09
C LYS B 149 0.54 2.52 33.01
N VAL B 150 1.57 1.67 32.98
CA VAL B 150 1.36 0.23 32.89
C VAL B 150 1.81 -0.53 34.15
N PRO B 151 1.10 -1.61 34.48
CA PRO B 151 1.39 -2.44 35.64
C PRO B 151 2.48 -3.46 35.33
N ILE B 152 3.45 -3.61 36.24
CA ILE B 152 4.53 -4.61 36.06
C ILE B 152 3.87 -5.97 36.23
N MET B 153 4.47 -7.00 35.65
CA MET B 153 3.93 -8.35 35.77
C MET B 153 5.09 -9.31 35.92
N GLU B 154 4.94 -10.26 36.83
CA GLU B 154 6.00 -11.22 37.10
C GLU B 154 6.28 -12.11 35.90
N ASN B 155 7.58 -12.34 35.65
CA ASN B 155 8.03 -13.17 34.54
C ASN B 155 7.32 -14.51 34.46
N HIS B 156 7.12 -15.17 35.60
CA HIS B 156 6.47 -16.48 35.62
C HIS B 156 4.98 -16.40 35.26
N ILE B 157 4.34 -15.28 35.54
CA ILE B 157 2.91 -15.11 35.23
C ILE B 157 2.79 -14.71 33.76
N CYS B 158 3.72 -13.85 33.35
CA CYS B 158 3.77 -13.34 32.00
C CYS B 158 4.10 -14.46 31.04
N ASP B 159 5.06 -15.29 31.41
CA ASP B 159 5.43 -16.41 30.57
C ASP B 159 4.25 -17.36 30.40
N ALA B 160 3.47 -17.53 31.48
CA ALA B 160 2.27 -18.37 31.51
C ALA B 160 1.25 -17.95 30.44
N LYS B 161 1.04 -16.65 30.32
CA LYS B 161 0.12 -16.12 29.33
C LYS B 161 0.65 -16.32 27.90
N TYR B 162 1.97 -16.24 27.73
CA TYR B 162 2.54 -16.43 26.41
C TYR B 162 2.41 -17.86 25.93
N HIS B 163 1.88 -18.71 26.80
CA HIS B 163 1.63 -20.07 26.38
C HIS B 163 0.14 -20.22 26.08
N LEU B 164 -0.69 -19.47 26.79
CA LEU B 164 -2.13 -19.52 26.57
C LEU B 164 -2.45 -19.23 25.11
N GLY B 165 -3.04 -20.19 24.43
CA GLY B 165 -3.41 -20.02 23.03
C GLY B 165 -2.25 -20.31 22.11
N ALA B 166 -1.22 -20.99 22.64
CA ALA B 166 -0.03 -21.30 21.88
C ALA B 166 0.40 -22.78 21.98
N TYR B 167 0.90 -23.31 20.86
CA TYR B 167 1.37 -24.69 20.77
C TYR B 167 2.63 -24.96 21.58
N THR B 168 3.43 -23.92 21.77
CA THR B 168 4.68 -23.99 22.52
C THR B 168 4.49 -24.68 23.89
N GLY B 169 5.32 -25.67 24.20
CA GLY B 169 5.23 -26.40 25.45
C GLY B 169 5.50 -25.56 26.69
N ASP B 170 4.80 -25.90 27.78
CA ASP B 170 4.97 -25.18 29.05
C ASP B 170 6.37 -25.31 29.57
N ASP B 171 7.06 -26.34 29.10
CA ASP B 171 8.43 -26.58 29.51
C ASP B 171 9.37 -25.64 28.76
N VAL B 172 8.84 -25.01 27.71
CA VAL B 172 9.62 -24.07 26.93
C VAL B 172 9.37 -22.69 27.49
N ARG B 173 10.47 -21.98 27.74
CA ARG B 173 10.38 -20.66 28.30
C ARG B 173 10.39 -19.60 27.21
N ILE B 174 9.31 -18.83 27.12
CA ILE B 174 9.22 -17.78 26.11
C ILE B 174 9.76 -16.50 26.71
N VAL B 175 9.23 -16.08 27.86
CA VAL B 175 9.70 -14.86 28.51
C VAL B 175 10.95 -15.15 29.33
N ARG B 176 12.10 -15.00 28.67
CA ARG B 176 13.42 -15.21 29.26
C ARG B 176 13.64 -14.42 30.57
N ASP B 177 14.71 -14.77 31.29
CA ASP B 177 15.06 -14.13 32.56
C ASP B 177 15.54 -12.69 32.43
N ASP B 178 16.07 -12.32 31.28
CA ASP B 178 16.57 -10.97 31.04
C ASP B 178 15.49 -10.09 30.40
N MET B 179 14.23 -10.46 30.60
CA MET B 179 13.10 -9.70 30.08
C MET B 179 12.25 -9.37 31.26
N LEU B 180 11.27 -8.49 31.05
CA LEU B 180 10.36 -8.04 32.11
C LEU B 180 9.04 -7.75 31.44
N CYS B 181 7.92 -7.95 32.13
CA CYS B 181 6.63 -7.69 31.54
C CYS B 181 5.84 -6.55 32.14
N ALA B 182 5.05 -5.88 31.32
CA ALA B 182 4.26 -4.78 31.80
C ALA B 182 3.17 -4.55 30.79
N GLY B 183 2.09 -3.91 31.24
CA GLY B 183 0.98 -3.59 30.34
C GLY B 183 -0.28 -4.43 30.48
N ASN B 184 -1.22 -4.18 29.57
CA ASN B 184 -2.49 -4.89 29.54
C ASN B 184 -3.20 -4.53 28.25
N THR B 185 -4.39 -5.11 28.03
CA THR B 185 -5.19 -4.89 26.82
C THR B 185 -5.57 -3.47 26.42
N ARG B 186 -5.28 -2.47 27.24
CA ARG B 186 -5.68 -1.14 26.85
C ARG B 186 -4.58 -0.13 27.08
N ARG B 187 -3.46 -0.59 27.60
CA ARG B 187 -2.34 0.29 27.86
C ARG B 187 -1.13 -0.53 27.54
N ASP B 188 -0.34 -0.08 26.59
CA ASP B 188 0.84 -0.84 26.19
C ASP B 188 1.65 0.02 25.24
N SER B 189 2.94 -0.29 25.12
CA SER B 189 3.82 0.41 24.20
C SER B 189 3.47 -0.21 22.83
N CYS B 190 4.00 0.31 21.74
CA CYS B 190 3.62 -0.24 20.45
C CYS B 190 4.70 -0.02 19.40
N GLN B 191 4.38 -0.28 18.14
CA GLN B 191 5.34 -0.12 17.04
C GLN B 191 5.94 1.28 16.98
N GLY B 192 7.26 1.40 17.00
CA GLY B 192 7.89 2.71 16.95
C GLY B 192 8.34 3.21 18.33
N ASP B 193 7.94 2.50 19.38
CA ASP B 193 8.30 2.83 20.76
C ASP B 193 9.57 2.06 21.16
N SER B 194 9.90 0.99 20.43
CA SER B 194 11.07 0.16 20.67
C SER B 194 12.26 1.00 21.05
N GLY B 195 12.93 0.63 22.14
CA GLY B 195 14.09 1.38 22.61
C GLY B 195 13.76 2.38 23.69
N GLY B 196 12.52 2.85 23.74
CA GLY B 196 12.11 3.82 24.74
C GLY B 196 12.20 3.30 26.17
N PRO B 197 12.14 4.19 27.18
CA PRO B 197 12.23 3.82 28.58
C PRO B 197 10.96 3.38 29.32
N LEU B 198 11.16 2.45 30.24
CA LEU B 198 10.10 1.97 31.13
C LEU B 198 10.67 2.37 32.48
N VAL B 199 10.28 3.55 32.96
CA VAL B 199 10.76 4.04 34.25
C VAL B 199 9.73 3.83 35.36
N CYS B 200 10.20 3.55 36.56
CA CYS B 200 9.31 3.37 37.70
C CYS B 200 9.75 4.29 38.81
N LYS B 201 8.78 4.83 39.55
CA LYS B 201 9.14 5.69 40.66
C LYS B 201 9.32 4.74 41.82
N VAL B 202 10.55 4.67 42.29
CA VAL B 202 10.87 3.81 43.38
C VAL B 202 11.48 4.62 44.49
N ASN B 203 10.69 4.85 45.53
CA ASN B 203 11.17 5.59 46.69
C ASN B 203 11.60 7.01 46.30
N GLY B 204 10.69 7.74 45.64
CA GLY B 204 10.98 9.11 45.22
C GLY B 204 11.81 9.34 43.97
N THR B 205 12.38 8.29 43.38
CA THR B 205 13.21 8.43 42.19
C THR B 205 12.72 7.66 40.96
N TRP B 206 12.93 8.25 39.80
CA TRP B 206 12.55 7.61 38.57
C TRP B 206 13.68 6.73 38.11
N LEU B 207 13.48 5.42 38.19
CA LEU B 207 14.49 4.47 37.76
C LEU B 207 14.08 3.79 36.44
N GLN B 208 15.03 3.62 35.50
CA GLN B 208 14.72 2.98 34.23
C GLN B 208 14.66 1.48 34.44
N ALA B 209 13.44 0.97 34.62
CA ALA B 209 13.20 -0.44 34.84
C ALA B 209 13.53 -1.31 33.63
N GLY B 210 13.03 -0.92 32.46
CA GLY B 210 13.25 -1.69 31.25
C GLY B 210 13.36 -0.88 29.98
N VAL B 211 13.45 -1.59 28.86
CA VAL B 211 13.59 -0.98 27.54
C VAL B 211 12.59 -1.69 26.62
N VAL B 212 11.69 -0.94 25.99
CA VAL B 212 10.70 -1.54 25.07
C VAL B 212 11.45 -2.48 24.12
N SER B 213 11.05 -3.76 24.09
CA SER B 213 11.72 -4.74 23.24
C SER B 213 10.81 -5.44 22.23
N TRP B 214 9.91 -6.29 22.69
CA TRP B 214 9.04 -6.99 21.77
C TRP B 214 7.67 -7.31 22.34
N GLY B 215 6.94 -8.19 21.66
CA GLY B 215 5.60 -8.58 22.08
C GLY B 215 4.82 -8.93 20.83
N GLU B 216 3.78 -9.75 20.95
CA GLU B 216 2.96 -10.18 19.82
C GLU B 216 1.78 -9.27 19.53
N GLY B 217 2.03 -8.02 19.18
CA GLY B 217 0.95 -7.09 18.90
C GLY B 217 0.86 -6.08 20.03
N CYS B 218 0.19 -4.96 19.78
CA CYS B 218 0.03 -3.93 20.80
C CYS B 218 -1.28 -4.06 21.56
N ALA B 219 -1.22 -3.95 22.89
CA ALA B 219 -2.38 -4.06 23.75
C ALA B 219 -3.22 -5.28 23.38
N GLN B 220 -2.57 -6.43 23.31
CA GLN B 220 -3.25 -7.67 22.96
C GLN B 220 -3.42 -8.64 24.12
N PRO B 221 -4.62 -9.23 24.22
CA PRO B 221 -4.99 -10.19 25.27
C PRO B 221 -4.00 -11.34 25.45
N ASN B 222 -3.50 -11.49 26.68
CA ASN B 222 -2.55 -12.54 27.05
C ASN B 222 -1.19 -12.39 26.37
N ARG B 223 -0.88 -11.16 25.97
CA ARG B 223 0.36 -10.84 25.31
C ARG B 223 0.92 -9.49 25.77
N PRO B 224 1.17 -9.38 27.08
CA PRO B 224 1.70 -8.16 27.68
C PRO B 224 3.05 -7.82 27.05
N GLY B 225 3.37 -6.53 27.00
CA GLY B 225 4.61 -6.10 26.40
C GLY B 225 5.84 -6.63 27.13
N ILE B 226 6.83 -7.10 26.36
CA ILE B 226 8.08 -7.61 26.90
C ILE B 226 9.11 -6.49 26.84
N TYR B 227 9.83 -6.27 27.92
CA TYR B 227 10.85 -5.23 27.95
C TYR B 227 12.19 -5.90 28.29
N THR B 228 13.30 -5.22 27.99
CA THR B 228 14.62 -5.75 28.30
C THR B 228 14.88 -5.38 29.75
N ARG B 229 15.36 -6.34 30.54
CA ARG B 229 15.65 -6.10 31.95
C ARG B 229 16.96 -5.33 32.12
N VAL B 230 16.86 -4.11 32.62
CA VAL B 230 18.05 -3.27 32.77
C VAL B 230 19.00 -3.73 33.88
N THR B 231 18.41 -4.11 35.01
CA THR B 231 19.19 -4.59 36.14
C THR B 231 20.07 -5.70 35.60
N TYR B 232 19.50 -6.48 34.68
CA TYR B 232 20.23 -7.60 34.12
C TYR B 232 21.52 -7.28 33.35
N TYR B 233 21.54 -6.15 32.66
CA TYR B 233 22.70 -5.79 31.86
C TYR B 233 23.48 -4.62 32.41
N LEU B 234 23.25 -4.30 33.68
CA LEU B 234 23.94 -3.19 34.34
C LEU B 234 25.45 -3.23 34.19
N ASP B 235 26.06 -4.34 34.60
CA ASP B 235 27.50 -4.53 34.50
C ASP B 235 28.04 -4.19 33.11
N TRP B 236 27.32 -4.62 32.09
CA TRP B 236 27.71 -4.37 30.73
C TRP B 236 27.58 -2.87 30.41
N ILE B 237 26.44 -2.30 30.77
CA ILE B 237 26.22 -0.88 30.52
C ILE B 237 27.40 -0.13 31.09
N HIS B 238 27.77 -0.49 32.32
CA HIS B 238 28.89 0.16 33.01
C HIS B 238 30.28 -0.15 32.50
N HIS B 239 30.39 -1.10 31.59
CA HIS B 239 31.70 -1.42 31.03
C HIS B 239 32.07 -0.31 30.05
N TYR B 240 31.08 0.48 29.67
CA TYR B 240 31.26 1.56 28.73
C TYR B 240 30.88 2.89 29.37
N VAL B 241 29.73 2.93 30.01
CA VAL B 241 29.24 4.14 30.66
C VAL B 241 29.75 4.30 32.09
N PRO B 242 30.57 5.32 32.32
CA PRO B 242 31.13 5.60 33.65
C PRO B 242 30.04 5.92 34.64
N LYS B 243 30.35 5.71 35.92
CA LYS B 243 29.41 5.99 36.98
C LYS B 243 29.58 7.46 37.42
N LYS B 244 28.76 8.34 36.83
CA LYS B 244 28.72 9.79 37.06
C LYS B 244 29.44 10.62 35.99
N ILE C 1 10.22 -18.81 -5.17
CA ILE C 1 11.46 -19.40 -5.63
C ILE C 1 12.24 -18.43 -6.50
N VAL C 2 13.31 -17.87 -5.94
CA VAL C 2 14.18 -16.95 -6.65
C VAL C 2 15.10 -17.79 -7.51
N GLY C 3 15.33 -17.33 -8.75
CA GLY C 3 16.17 -18.06 -9.70
C GLY C 3 15.36 -19.26 -10.18
N GLY C 4 15.99 -20.19 -10.89
CA GLY C 4 15.27 -21.37 -11.34
C GLY C 4 14.32 -21.33 -12.53
N GLN C 5 13.47 -22.35 -12.62
CA GLN C 5 12.52 -22.51 -13.73
C GLN C 5 11.19 -23.10 -13.28
N GLU C 6 10.23 -23.12 -14.20
CA GLU C 6 8.92 -23.68 -13.95
C GLU C 6 9.15 -25.17 -14.00
N ALA C 7 8.63 -25.89 -13.02
CA ALA C 7 8.88 -27.32 -12.96
C ALA C 7 8.03 -28.19 -13.85
N PRO C 8 8.57 -29.35 -14.25
CA PRO C 8 7.86 -30.29 -15.10
C PRO C 8 6.58 -30.76 -14.43
N ARG C 9 5.55 -30.91 -15.25
CA ARG C 9 4.24 -31.30 -14.78
C ARG C 9 4.21 -32.63 -14.05
N SER C 10 5.34 -33.32 -13.99
CA SER C 10 5.40 -34.62 -13.32
C SER C 10 6.68 -34.68 -12.52
N LYS C 11 6.99 -33.59 -11.82
CA LYS C 11 8.22 -33.60 -11.09
C LYS C 11 8.16 -33.65 -9.58
N TRP C 12 7.26 -32.91 -8.96
CA TRP C 12 7.28 -32.92 -7.51
C TRP C 12 5.94 -33.33 -6.90
N PRO C 13 5.60 -34.62 -7.01
CA PRO C 13 4.36 -35.27 -6.53
C PRO C 13 4.01 -35.07 -5.04
N TRP C 14 5.04 -34.91 -4.20
CA TRP C 14 4.83 -34.71 -2.77
C TRP C 14 4.42 -33.31 -2.40
N GLN C 15 4.61 -32.33 -3.30
CA GLN C 15 4.25 -30.94 -3.03
C GLN C 15 2.77 -30.74 -2.65
N VAL C 16 2.54 -29.91 -1.65
CA VAL C 16 1.19 -29.54 -1.22
C VAL C 16 1.23 -28.00 -0.96
N SER C 17 0.07 -27.37 -0.95
CA SER C 17 -0.05 -25.93 -0.74
C SER C 17 -1.03 -25.69 0.41
N LEU C 18 -0.63 -24.93 1.42
CA LEU C 18 -1.55 -24.71 2.52
C LEU C 18 -2.39 -23.50 2.20
N ARG C 19 -3.70 -23.58 2.44
CA ARG C 19 -4.59 -22.47 2.14
C ARG C 19 -5.29 -21.92 3.36
N VAL C 20 -5.37 -20.59 3.43
CA VAL C 20 -6.05 -19.93 4.54
C VAL C 20 -7.38 -19.51 3.98
N HIS C 21 -8.43 -19.57 4.78
CA HIS C 21 -9.69 -19.14 4.25
C HIS C 21 -9.72 -17.63 4.26
N GLY C 22 -9.63 -17.01 3.08
CA GLY C 22 -9.69 -15.57 3.02
C GLY C 22 -10.92 -15.18 2.23
N PRO C 23 -10.78 -14.23 1.27
CA PRO C 23 -11.73 -14.00 0.19
C PRO C 23 -11.76 -15.22 -0.72
N TYR C 24 -10.69 -16.00 -0.66
CA TYR C 24 -10.54 -17.23 -1.40
C TYR C 24 -9.52 -18.03 -0.60
N TRP C 25 -9.39 -19.31 -0.87
CA TRP C 25 -8.44 -20.10 -0.15
C TRP C 25 -7.07 -19.80 -0.69
N MET C 26 -6.40 -18.84 -0.08
CA MET C 26 -5.12 -18.47 -0.59
C MET C 26 -3.99 -19.29 -0.01
N HIS C 27 -2.97 -19.50 -0.84
CA HIS C 27 -1.80 -20.24 -0.45
C HIS C 27 -0.93 -19.36 0.43
N PHE C 28 -0.45 -19.90 1.54
CA PHE C 28 0.44 -19.16 2.45
C PHE C 28 1.77 -19.86 2.73
N CYS C 29 1.85 -21.14 2.41
CA CYS C 29 3.05 -21.91 2.62
C CYS C 29 2.95 -23.17 1.80
N GLY C 30 4.11 -23.75 1.54
CA GLY C 30 4.17 -25.00 0.82
C GLY C 30 4.16 -26.06 1.92
N GLY C 31 4.31 -27.33 1.54
CA GLY C 31 4.33 -28.43 2.49
C GLY C 31 4.49 -29.70 1.70
N SER C 32 4.92 -30.80 2.32
CA SER C 32 5.09 -32.05 1.59
C SER C 32 4.29 -33.24 2.11
N LEU C 33 3.93 -34.14 1.21
CA LEU C 33 3.19 -35.34 1.58
C LEU C 33 4.25 -36.38 1.90
N ILE C 34 4.31 -36.84 3.14
CA ILE C 34 5.32 -37.83 3.52
C ILE C 34 4.67 -39.18 3.89
N HIS C 35 3.34 -39.19 3.86
CA HIS C 35 2.53 -40.36 4.17
C HIS C 35 1.17 -39.97 3.61
N PRO C 36 0.47 -40.91 2.97
CA PRO C 36 -0.83 -40.62 2.37
C PRO C 36 -1.85 -39.94 3.27
N GLN C 37 -1.53 -39.71 4.54
CA GLN C 37 -2.46 -39.05 5.42
C GLN C 37 -1.76 -38.08 6.36
N TRP C 38 -0.53 -37.74 6.03
CA TRP C 38 0.24 -36.82 6.85
C TRP C 38 1.05 -35.83 6.02
N VAL C 39 0.93 -34.54 6.34
CA VAL C 39 1.66 -33.51 5.62
C VAL C 39 2.73 -32.91 6.56
N LEU C 40 3.98 -32.84 6.08
CA LEU C 40 5.08 -32.29 6.87
C LEU C 40 5.29 -30.86 6.40
N THR C 41 5.39 -29.93 7.34
CA THR C 41 5.58 -28.52 7.02
C THR C 41 6.21 -27.76 8.18
N ALA C 42 6.61 -26.52 7.93
CA ALA C 42 7.23 -25.68 8.96
C ALA C 42 6.24 -25.23 10.03
N ALA C 43 6.69 -25.26 11.28
CA ALA C 43 5.88 -24.86 12.41
C ALA C 43 5.42 -23.41 12.31
N HIS C 44 6.27 -22.52 11.81
CA HIS C 44 5.90 -21.11 11.69
C HIS C 44 4.74 -20.82 10.73
N CYS C 45 4.44 -21.78 9.86
CA CYS C 45 3.34 -21.60 8.95
C CYS C 45 2.04 -21.75 9.74
N VAL C 46 2.08 -22.46 10.86
CA VAL C 46 0.85 -22.69 11.61
C VAL C 46 0.91 -22.36 13.10
N GLY C 47 2.07 -21.97 13.59
CA GLY C 47 2.22 -21.66 14.99
C GLY C 47 2.85 -20.30 15.21
N PRO C 48 3.39 -20.02 16.41
CA PRO C 48 3.19 -20.80 17.64
C PRO C 48 1.72 -20.77 18.09
N ASP C 49 1.02 -19.72 17.69
CA ASP C 49 -0.38 -19.58 18.04
C ASP C 49 -1.25 -20.63 17.37
N VAL C 50 -2.22 -21.11 18.13
CA VAL C 50 -3.14 -22.14 17.67
C VAL C 50 -4.10 -21.67 16.58
N LYS C 51 -4.09 -22.37 15.46
CA LYS C 51 -4.96 -22.02 14.34
C LYS C 51 -6.19 -22.91 14.34
N ASP C 52 -7.27 -22.43 13.74
CA ASP C 52 -8.50 -23.21 13.65
C ASP C 52 -8.45 -24.05 12.38
N LEU C 53 -8.77 -25.33 12.49
CA LEU C 53 -8.73 -26.24 11.36
C LEU C 53 -9.74 -25.91 10.27
N ALA C 54 -10.83 -25.28 10.65
CA ALA C 54 -11.84 -24.95 9.66
C ALA C 54 -11.35 -23.92 8.68
N ALA C 55 -10.34 -23.16 9.08
CA ALA C 55 -9.77 -22.12 8.22
C ALA C 55 -8.61 -22.59 7.38
N LEU C 56 -8.06 -23.74 7.75
CA LEU C 56 -6.89 -24.27 7.07
C LEU C 56 -7.32 -25.34 6.08
N ARG C 57 -6.55 -25.51 5.02
CA ARG C 57 -6.90 -26.52 4.04
C ARG C 57 -5.68 -26.88 3.21
N VAL C 58 -5.57 -28.15 2.84
CA VAL C 58 -4.43 -28.64 2.07
C VAL C 58 -4.87 -28.97 0.67
N GLN C 59 -4.06 -28.54 -0.29
CA GLN C 59 -4.29 -28.81 -1.70
C GLN C 59 -3.10 -29.64 -2.20
N LEU C 60 -3.37 -30.74 -2.90
CA LEU C 60 -2.28 -31.60 -3.40
C LEU C 60 -1.53 -30.96 -4.57
N ARG C 61 -0.45 -31.60 -5.02
CA ARG C 61 0.41 -31.10 -6.09
C ARG C 61 -0.31 -30.68 -7.36
N GLU C 62 -0.24 -29.39 -7.70
CA GLU C 62 -0.89 -28.89 -8.92
C GLU C 62 0.02 -27.91 -9.67
N GLN C 63 0.10 -28.10 -10.98
CA GLN C 63 0.95 -27.26 -11.82
C GLN C 63 0.70 -25.75 -11.70
N HIS C 64 -0.57 -25.34 -11.60
CA HIS C 64 -0.93 -23.93 -11.50
C HIS C 64 -1.89 -23.67 -10.36
N LEU C 65 -1.35 -22.98 -9.35
CA LEU C 65 -2.04 -22.67 -8.11
C LEU C 65 -3.54 -22.59 -7.94
N TYR C 66 -4.27 -21.84 -8.73
CA TYR C 66 -5.69 -21.82 -8.45
C TYR C 66 -6.60 -22.40 -9.51
N TYR C 67 -6.03 -22.97 -10.57
CA TYR C 67 -6.87 -23.51 -11.63
C TYR C 67 -7.80 -24.63 -11.23
N GLN C 68 -7.27 -25.76 -10.77
CA GLN C 68 -8.16 -26.88 -10.42
C GLN C 68 -8.13 -27.27 -8.95
N ASP C 69 -8.36 -26.30 -8.09
CA ASP C 69 -8.38 -26.54 -6.66
C ASP C 69 -9.31 -27.69 -6.32
N GLN C 70 -8.86 -28.50 -5.38
CA GLN C 70 -9.56 -29.68 -4.87
C GLN C 70 -9.08 -29.70 -3.43
N LEU C 71 -9.63 -28.81 -2.64
CA LEU C 71 -9.24 -28.71 -1.25
C LEU C 71 -9.60 -29.88 -0.39
N LEU C 72 -8.64 -30.26 0.45
CA LEU C 72 -8.78 -31.35 1.40
C LEU C 72 -8.66 -30.67 2.76
N PRO C 73 -9.53 -31.02 3.70
CA PRO C 73 -9.49 -30.44 5.04
C PRO C 73 -8.46 -31.16 5.91
N VAL C 74 -8.03 -30.53 6.99
CA VAL C 74 -7.07 -31.15 7.90
C VAL C 74 -7.77 -31.59 9.15
N SER C 75 -7.39 -32.78 9.60
CA SER C 75 -7.92 -33.43 10.79
C SER C 75 -7.22 -33.00 12.07
N ARG C 76 -5.89 -32.87 12.00
CA ARG C 76 -5.10 -32.49 13.17
C ARG C 76 -3.85 -31.68 12.78
N ILE C 77 -3.37 -30.83 13.69
CA ILE C 77 -2.18 -30.01 13.48
C ILE C 77 -1.25 -30.29 14.66
N ILE C 78 -0.07 -30.83 14.37
CA ILE C 78 0.89 -31.16 15.42
C ILE C 78 2.21 -30.39 15.26
N VAL C 79 2.29 -29.23 15.91
CA VAL C 79 3.49 -28.39 15.86
C VAL C 79 4.46 -28.98 16.89
N HIS C 80 5.75 -28.72 16.74
CA HIS C 80 6.75 -29.21 17.69
C HIS C 80 6.72 -28.37 18.96
N PRO C 81 6.61 -29.00 20.13
CA PRO C 81 6.56 -28.30 21.42
C PRO C 81 7.67 -27.29 21.74
N GLN C 82 8.87 -27.54 21.25
CA GLN C 82 9.97 -26.63 21.53
C GLN C 82 9.94 -25.43 20.62
N PHE C 83 8.83 -25.24 19.91
CA PHE C 83 8.76 -24.13 18.98
C PHE C 83 8.04 -22.85 19.38
N TYR C 84 8.72 -21.75 19.09
CA TYR C 84 8.20 -20.42 19.33
C TYR C 84 8.67 -19.47 18.24
N THR C 85 9.90 -19.67 17.76
CA THR C 85 10.49 -18.80 16.72
C THR C 85 11.38 -19.59 15.76
N ALA C 86 11.47 -19.16 14.49
CA ALA C 86 12.29 -19.85 13.50
C ALA C 86 13.78 -19.74 13.82
N GLN C 87 14.19 -18.55 14.26
CA GLN C 87 15.58 -18.30 14.58
C GLN C 87 16.03 -19.14 15.76
N ILE C 88 15.09 -19.39 16.65
CA ILE C 88 15.38 -20.18 17.83
C ILE C 88 15.44 -21.64 17.44
N GLY C 89 14.82 -22.00 16.33
CA GLY C 89 14.82 -23.39 15.87
C GLY C 89 13.54 -24.15 16.16
N ALA C 90 13.55 -25.44 15.81
CA ALA C 90 12.43 -26.37 15.99
C ALA C 90 11.26 -25.99 15.10
N ASP C 91 11.57 -25.42 13.94
CA ASP C 91 10.54 -24.97 13.00
C ASP C 91 10.05 -26.14 12.19
N ILE C 92 9.19 -26.96 12.77
CA ILE C 92 8.68 -28.10 12.05
C ILE C 92 7.31 -28.43 12.58
N ALA C 93 6.45 -29.03 11.73
CA ALA C 93 5.10 -29.40 12.13
C ALA C 93 4.47 -30.45 11.21
N LEU C 94 3.42 -31.10 11.71
CA LEU C 94 2.72 -32.12 10.96
C LEU C 94 1.25 -31.78 10.86
N LEU C 95 0.66 -32.18 9.74
CA LEU C 95 -0.75 -31.94 9.46
C LEU C 95 -1.41 -33.27 9.15
N GLU C 96 -2.31 -33.72 10.02
CA GLU C 96 -3.00 -34.96 9.76
C GLU C 96 -4.18 -34.68 8.84
N LEU C 97 -4.22 -35.36 7.71
CA LEU C 97 -5.31 -35.16 6.77
C LEU C 97 -6.54 -35.85 7.32
N GLU C 98 -7.70 -35.51 6.79
CA GLU C 98 -8.93 -36.14 7.28
C GLU C 98 -8.97 -37.56 6.76
N GLU C 99 -8.68 -37.73 5.48
CA GLU C 99 -8.69 -39.05 4.85
C GLU C 99 -7.41 -39.30 4.10
N PRO C 100 -6.99 -40.56 3.98
CA PRO C 100 -5.78 -40.96 3.26
C PRO C 100 -5.95 -40.61 1.79
N VAL C 101 -4.85 -40.36 1.10
CA VAL C 101 -4.93 -40.00 -0.30
C VAL C 101 -4.68 -41.23 -1.14
N LYS C 102 -5.14 -41.20 -2.39
CA LYS C 102 -4.90 -42.31 -3.29
C LYS C 102 -3.67 -41.94 -4.10
N VAL C 103 -2.55 -42.52 -3.72
CA VAL C 103 -1.28 -42.27 -4.38
C VAL C 103 -1.24 -42.71 -5.85
N SER C 104 -0.59 -41.91 -6.67
CA SER C 104 -0.47 -42.19 -8.09
C SER C 104 0.89 -41.73 -8.57
N SER C 105 1.03 -41.61 -9.89
CA SER C 105 2.28 -41.17 -10.51
C SER C 105 2.44 -39.65 -10.34
N HIS C 106 1.32 -38.96 -10.23
CA HIS C 106 1.31 -37.50 -10.09
C HIS C 106 1.29 -37.03 -8.66
N VAL C 107 0.71 -37.82 -7.76
CA VAL C 107 0.64 -37.44 -6.36
C VAL C 107 1.05 -38.57 -5.41
N HIS C 108 2.30 -38.52 -4.95
CA HIS C 108 2.78 -39.53 -4.02
C HIS C 108 3.88 -39.00 -3.12
N THR C 109 3.95 -39.62 -1.96
CA THR C 109 4.87 -39.29 -0.90
C THR C 109 6.36 -39.21 -1.19
N VAL C 110 7.03 -38.38 -0.42
CA VAL C 110 8.46 -38.18 -0.54
C VAL C 110 9.13 -39.02 0.57
N THR C 111 10.31 -39.55 0.28
CA THR C 111 11.04 -40.37 1.25
C THR C 111 11.80 -39.57 2.30
N LEU C 112 11.51 -39.81 3.57
CA LEU C 112 12.22 -39.13 4.66
C LEU C 112 13.61 -39.76 4.71
N PRO C 113 14.68 -38.96 4.89
CA PRO C 113 16.04 -39.51 4.95
C PRO C 113 16.31 -40.36 6.21
N PRO C 114 17.33 -41.24 6.18
CA PRO C 114 17.63 -42.06 7.36
C PRO C 114 18.29 -41.13 8.36
N ALA C 115 18.23 -41.46 9.65
CA ALA C 115 18.83 -40.61 10.67
C ALA C 115 20.32 -40.39 10.46
N SER C 116 20.94 -41.26 9.66
CA SER C 116 22.37 -41.21 9.39
C SER C 116 22.86 -40.11 8.45
N GLU C 117 22.04 -39.77 7.46
CA GLU C 117 22.41 -38.76 6.47
C GLU C 117 22.74 -37.37 6.98
N THR C 118 23.53 -36.66 6.19
CA THR C 118 23.94 -35.29 6.49
C THR C 118 23.71 -34.35 5.30
N PHE C 119 23.78 -34.89 4.08
CA PHE C 119 23.61 -34.11 2.87
C PHE C 119 24.70 -33.06 2.87
N PRO C 120 25.95 -33.49 2.74
CA PRO C 120 27.14 -32.65 2.73
C PRO C 120 27.15 -31.69 1.55
N PRO C 121 28.03 -30.67 1.62
CA PRO C 121 28.13 -29.71 0.53
C PRO C 121 28.49 -30.44 -0.75
N GLY C 122 27.74 -30.18 -1.81
CA GLY C 122 28.01 -30.85 -3.07
C GLY C 122 26.82 -31.70 -3.45
N MET C 123 25.83 -31.77 -2.58
CA MET C 123 24.65 -32.55 -2.88
C MET C 123 23.72 -31.88 -3.91
N PRO C 124 23.27 -32.66 -4.90
CA PRO C 124 22.36 -32.12 -5.91
C PRO C 124 21.00 -32.00 -5.24
N CYS C 125 20.69 -30.79 -4.74
CA CYS C 125 19.42 -30.59 -4.09
C CYS C 125 18.56 -29.57 -4.79
N TRP C 126 17.27 -29.69 -4.57
CA TRP C 126 16.32 -28.80 -5.18
C TRP C 126 15.29 -28.35 -4.18
N VAL C 127 14.81 -27.12 -4.34
CA VAL C 127 13.77 -26.56 -3.50
C VAL C 127 12.72 -26.25 -4.55
N THR C 128 11.45 -26.38 -4.18
CA THR C 128 10.38 -26.09 -5.12
C THR C 128 9.28 -25.41 -4.34
N GLY C 129 8.57 -24.48 -4.99
CA GLY C 129 7.50 -23.78 -4.30
C GLY C 129 6.83 -22.76 -5.20
N TRP C 130 5.77 -22.13 -4.69
CA TRP C 130 5.01 -21.12 -5.41
C TRP C 130 5.18 -19.74 -4.76
N GLY C 131 6.38 -19.44 -4.27
CA GLY C 131 6.61 -18.17 -3.60
C GLY C 131 7.13 -17.05 -4.46
N ASP C 132 7.61 -15.99 -3.82
CA ASP C 132 8.16 -14.84 -4.51
C ASP C 132 9.35 -15.30 -5.35
N VAL C 133 9.56 -14.62 -6.47
CA VAL C 133 10.66 -14.95 -7.37
C VAL C 133 11.80 -13.98 -7.12
N ASP C 134 11.56 -13.06 -6.20
CA ASP C 134 12.52 -12.05 -5.77
C ASP C 134 11.87 -11.36 -4.56
N ASN C 135 12.64 -10.59 -3.81
CA ASN C 135 12.09 -9.91 -2.64
C ASN C 135 11.03 -8.96 -3.14
N ASP C 136 9.87 -8.96 -2.50
CA ASP C 136 8.75 -8.08 -2.86
C ASP C 136 8.22 -8.22 -4.29
N GLU C 137 8.60 -9.30 -4.96
CA GLU C 137 8.16 -9.55 -6.32
C GLU C 137 7.36 -10.85 -6.25
N ARG C 138 6.05 -10.73 -6.09
CA ARG C 138 5.21 -11.91 -5.99
C ARG C 138 5.15 -12.72 -7.29
N LEU C 139 4.78 -13.99 -7.17
CA LEU C 139 4.68 -14.91 -8.30
C LEU C 139 3.58 -14.49 -9.28
N PRO C 140 3.95 -14.00 -10.48
CA PRO C 140 2.91 -13.57 -11.41
C PRO C 140 2.06 -14.73 -11.90
N PRO C 141 0.76 -14.50 -12.11
CA PRO C 141 -0.15 -15.54 -12.58
C PRO C 141 0.30 -16.10 -13.93
N PRO C 142 -0.02 -17.36 -14.22
CA PRO C 142 -0.92 -18.32 -13.58
C PRO C 142 -0.34 -19.13 -12.40
N PHE C 143 0.69 -18.63 -11.75
CA PHE C 143 1.26 -19.31 -10.58
C PHE C 143 1.80 -20.70 -10.83
N PRO C 144 2.74 -20.83 -11.77
CA PRO C 144 3.28 -22.16 -12.04
C PRO C 144 4.14 -22.62 -10.87
N LEU C 145 4.30 -23.92 -10.71
CA LEU C 145 5.15 -24.42 -9.65
C LEU C 145 6.58 -24.21 -10.13
N LYS C 146 7.44 -23.65 -9.29
CA LYS C 146 8.81 -23.46 -9.69
C LYS C 146 9.72 -24.36 -8.93
N GLN C 147 10.89 -24.58 -9.50
CA GLN C 147 11.93 -25.39 -8.92
C GLN C 147 13.30 -24.76 -9.21
N VAL C 148 14.20 -24.83 -8.23
CA VAL C 148 15.54 -24.30 -8.41
C VAL C 148 16.47 -25.28 -7.69
N LYS C 149 17.64 -25.50 -8.28
CA LYS C 149 18.64 -26.40 -7.72
C LYS C 149 19.59 -25.60 -6.84
N VAL C 150 19.72 -26.00 -5.59
CA VAL C 150 20.57 -25.28 -4.67
C VAL C 150 21.68 -26.11 -4.04
N PRO C 151 22.85 -25.49 -3.79
CA PRO C 151 24.00 -26.14 -3.18
C PRO C 151 23.88 -26.15 -1.66
N ILE C 152 24.11 -27.32 -1.08
CA ILE C 152 24.08 -27.47 0.36
C ILE C 152 25.32 -26.76 0.88
N MET C 153 25.23 -26.13 2.04
CA MET C 153 26.38 -25.43 2.62
C MET C 153 26.62 -25.93 4.03
N GLU C 154 27.88 -26.15 4.38
CA GLU C 154 28.21 -26.64 5.71
C GLU C 154 27.85 -25.61 6.76
N ASN C 155 27.19 -26.06 7.82
CA ASN C 155 26.76 -25.22 8.93
C ASN C 155 27.80 -24.23 9.40
N HIS C 156 28.98 -24.72 9.71
CA HIS C 156 30.03 -23.86 10.21
C HIS C 156 30.44 -22.76 9.27
N ILE C 157 30.31 -23.00 7.96
CA ILE C 157 30.64 -22.02 6.94
C ILE C 157 29.48 -21.06 6.89
N CYS C 158 28.27 -21.62 6.96
CA CYS C 158 27.03 -20.86 6.93
C CYS C 158 26.87 -19.91 8.11
N ASP C 159 27.28 -20.35 9.30
CA ASP C 159 27.20 -19.54 10.51
C ASP C 159 28.16 -18.36 10.39
N ALA C 160 29.33 -18.60 9.80
CA ALA C 160 30.30 -17.54 9.59
C ALA C 160 29.68 -16.50 8.69
N LYS C 161 29.20 -16.92 7.53
CA LYS C 161 28.57 -15.97 6.62
C LYS C 161 27.53 -15.16 7.35
N TYR C 162 26.66 -15.80 8.15
CA TYR C 162 25.64 -15.05 8.87
C TYR C 162 26.20 -14.01 9.85
N HIS C 163 27.48 -14.11 10.18
CA HIS C 163 28.10 -13.14 11.07
C HIS C 163 28.69 -11.99 10.30
N LEU C 164 29.02 -12.21 9.02
CA LEU C 164 29.58 -11.15 8.18
C LEU C 164 28.60 -10.00 8.10
N GLY C 165 29.03 -8.83 8.55
CA GLY C 165 28.16 -7.67 8.51
C GLY C 165 27.17 -7.57 9.66
N ALA C 166 27.32 -8.39 10.70
CA ALA C 166 26.44 -8.33 11.84
C ALA C 166 27.25 -7.94 13.07
N TYR C 167 26.57 -7.55 14.14
CA TYR C 167 27.22 -7.17 15.39
C TYR C 167 27.40 -8.38 16.30
N THR C 168 26.54 -9.39 16.13
CA THR C 168 26.54 -10.62 16.92
C THR C 168 27.91 -11.27 17.02
N GLY C 169 28.31 -11.58 18.26
CA GLY C 169 29.59 -12.20 18.53
C GLY C 169 29.74 -13.55 17.85
N ASP C 170 30.96 -13.88 17.44
CA ASP C 170 31.22 -15.12 16.77
C ASP C 170 30.86 -16.30 17.62
N ASP C 171 31.12 -16.18 18.91
CA ASP C 171 30.84 -17.27 19.84
C ASP C 171 29.36 -17.61 19.79
N VAL C 172 28.53 -16.61 19.51
CA VAL C 172 27.09 -16.82 19.43
C VAL C 172 26.75 -17.57 18.15
N ARG C 173 25.93 -18.61 18.26
CA ARG C 173 25.54 -19.40 17.09
C ARG C 173 24.24 -18.88 16.50
N ILE C 174 24.27 -18.53 15.22
CA ILE C 174 23.09 -18.04 14.53
C ILE C 174 22.46 -19.24 13.87
N VAL C 175 23.30 -20.03 13.20
CA VAL C 175 22.85 -21.23 12.52
C VAL C 175 23.00 -22.42 13.50
N ARG C 176 21.87 -22.85 14.06
CA ARG C 176 21.82 -23.97 15.00
C ARG C 176 22.10 -25.33 14.35
N ASP C 177 22.17 -26.40 15.15
CA ASP C 177 22.43 -27.74 14.64
C ASP C 177 21.23 -28.42 14.00
N ASP C 178 20.03 -27.88 14.23
CA ASP C 178 18.80 -28.43 13.66
C ASP C 178 18.38 -27.61 12.45
N MET C 179 19.34 -26.93 11.84
CA MET C 179 19.09 -26.13 10.66
C MET C 179 20.08 -26.61 9.61
N LEU C 180 19.81 -26.29 8.34
CA LEU C 180 20.64 -26.69 7.19
C LEU C 180 20.69 -25.49 6.26
N CYS C 181 21.81 -25.26 5.58
CA CYS C 181 21.90 -24.11 4.68
C CYS C 181 22.04 -24.50 3.22
N ALA C 182 21.41 -23.74 2.33
CA ALA C 182 21.50 -24.00 0.90
C ALA C 182 21.03 -22.80 0.12
N GLY C 183 21.75 -22.45 -0.94
CA GLY C 183 21.37 -21.32 -1.76
C GLY C 183 22.57 -20.44 -2.02
N ASN C 184 22.35 -19.32 -2.70
CA ASN C 184 23.42 -18.38 -2.99
C ASN C 184 22.81 -17.09 -3.48
N THR C 185 23.63 -16.17 -3.97
CA THR C 185 23.15 -14.89 -4.46
C THR C 185 22.27 -14.95 -5.71
N ARG C 186 21.90 -16.15 -6.16
CA ARG C 186 21.08 -16.24 -7.37
C ARG C 186 20.08 -17.38 -7.37
N ARG C 187 20.18 -18.26 -6.39
CA ARG C 187 19.27 -19.37 -6.30
C ARG C 187 18.95 -19.49 -4.84
N ASP C 188 17.66 -19.54 -4.53
CA ASP C 188 17.21 -19.65 -3.16
C ASP C 188 15.70 -19.73 -3.18
N SER C 189 15.10 -20.07 -2.05
CA SER C 189 13.64 -20.11 -1.93
C SER C 189 13.30 -18.70 -1.45
N CYS C 190 12.03 -18.42 -1.25
CA CYS C 190 11.68 -17.08 -0.85
C CYS C 190 10.38 -17.04 -0.09
N GLN C 191 9.97 -15.83 0.23
CA GLN C 191 8.73 -15.60 0.95
C GLN C 191 7.69 -16.43 0.24
N GLY C 192 6.91 -17.20 0.98
CA GLY C 192 5.89 -18.01 0.34
C GLY C 192 6.26 -19.47 0.14
N ASP C 193 7.55 -19.77 0.11
CA ASP C 193 7.98 -21.15 -0.05
C ASP C 193 8.04 -21.84 1.30
N SER C 194 8.01 -21.06 2.38
CA SER C 194 8.07 -21.60 3.74
C SER C 194 7.22 -22.85 3.92
N GLY C 195 7.79 -23.82 4.63
CA GLY C 195 7.07 -25.07 4.85
C GLY C 195 7.29 -26.08 3.75
N GLY C 196 7.83 -25.65 2.60
CA GLY C 196 8.06 -26.55 1.48
C GLY C 196 9.28 -27.46 1.61
N PRO C 197 9.56 -28.30 0.60
CA PRO C 197 10.70 -29.20 0.68
C PRO C 197 11.98 -28.86 -0.06
N LEU C 198 13.06 -29.38 0.51
CA LEU C 198 14.40 -29.27 -0.06
C LEU C 198 14.76 -30.76 -0.13
N VAL C 199 14.67 -31.34 -1.33
CA VAL C 199 14.94 -32.75 -1.58
C VAL C 199 16.26 -32.89 -2.31
N CYS C 200 16.95 -33.99 -2.04
CA CYS C 200 18.22 -34.23 -2.68
C CYS C 200 18.19 -35.63 -3.26
N LYS C 201 18.85 -35.81 -4.40
CA LYS C 201 18.88 -37.11 -5.05
C LYS C 201 20.02 -37.91 -4.46
N VAL C 202 19.73 -38.62 -3.38
CA VAL C 202 20.72 -39.43 -2.70
C VAL C 202 20.72 -40.86 -3.19
N ASN C 203 21.84 -41.26 -3.80
CA ASN C 203 22.00 -42.61 -4.31
C ASN C 203 20.75 -43.07 -5.04
N GLY C 204 20.46 -42.38 -6.13
CA GLY C 204 19.30 -42.70 -6.91
C GLY C 204 17.95 -42.60 -6.21
N THR C 205 17.87 -41.82 -5.13
CA THR C 205 16.60 -41.66 -4.43
C THR C 205 16.36 -40.25 -3.90
N TRP C 206 15.13 -39.78 -4.08
CA TRP C 206 14.76 -38.47 -3.63
C TRP C 206 14.54 -38.46 -2.11
N LEU C 207 15.38 -37.77 -1.38
CA LEU C 207 15.17 -37.71 0.06
C LEU C 207 14.88 -36.25 0.47
N GLN C 208 13.91 -36.05 1.35
CA GLN C 208 13.62 -34.70 1.82
C GLN C 208 14.65 -34.36 2.91
N ALA C 209 15.61 -33.49 2.55
CA ALA C 209 16.67 -33.07 3.46
C ALA C 209 16.18 -32.08 4.49
N GLY C 210 15.40 -31.09 4.04
CA GLY C 210 14.91 -30.10 4.97
C GLY C 210 13.57 -29.51 4.61
N VAL C 211 13.18 -28.52 5.41
CA VAL C 211 11.93 -27.80 5.25
C VAL C 211 12.30 -26.31 5.18
N VAL C 212 11.81 -25.58 4.19
CA VAL C 212 12.14 -24.14 4.07
C VAL C 212 11.73 -23.45 5.37
N SER C 213 12.70 -22.99 6.15
CA SER C 213 12.41 -22.35 7.45
C SER C 213 12.59 -20.83 7.53
N TRP C 214 13.82 -20.33 7.43
CA TRP C 214 14.06 -18.89 7.52
C TRP C 214 15.31 -18.42 6.78
N GLY C 215 15.52 -17.10 6.80
CA GLY C 215 16.67 -16.48 6.16
C GLY C 215 16.54 -14.97 6.29
N GLU C 216 17.59 -14.24 5.95
CA GLU C 216 17.53 -12.78 6.02
C GLU C 216 17.32 -12.28 4.60
N GLY C 217 16.18 -12.62 4.03
CA GLY C 217 15.87 -12.19 2.68
C GLY C 217 16.05 -13.33 1.70
N CYS C 218 15.70 -13.06 0.44
CA CYS C 218 15.79 -14.05 -0.61
C CYS C 218 17.01 -13.84 -1.51
N ALA C 219 17.83 -14.87 -1.65
CA ALA C 219 19.01 -14.79 -2.50
C ALA C 219 19.98 -13.65 -2.16
N GLN C 220 20.10 -13.28 -0.89
CA GLN C 220 21.03 -12.21 -0.52
C GLN C 220 22.42 -12.67 -0.16
N PRO C 221 23.44 -11.85 -0.47
CA PRO C 221 24.84 -12.19 -0.18
C PRO C 221 25.18 -12.40 1.31
N ASN C 222 25.79 -13.56 1.58
CA ASN C 222 26.19 -13.92 2.93
C ASN C 222 25.02 -14.23 3.83
N ARG C 223 23.90 -14.60 3.22
CA ARG C 223 22.68 -14.95 3.95
C ARG C 223 21.93 -16.08 3.20
N PRO C 224 22.50 -17.29 3.16
CA PRO C 224 21.83 -18.39 2.46
C PRO C 224 20.62 -18.85 3.22
N GLY C 225 19.74 -19.54 2.51
CA GLY C 225 18.52 -20.02 3.09
C GLY C 225 18.74 -21.04 4.16
N ILE C 226 18.00 -20.91 5.24
CA ILE C 226 18.09 -21.84 6.32
C ILE C 226 16.87 -22.76 6.24
N TYR C 227 17.13 -24.06 6.32
CA TYR C 227 16.09 -25.07 6.26
C TYR C 227 16.16 -25.86 7.56
N THR C 228 15.01 -26.37 8.01
CA THR C 228 14.98 -27.19 9.22
C THR C 228 15.64 -28.50 8.81
N ARG C 229 16.55 -29.01 9.63
CA ARG C 229 17.20 -30.25 9.27
C ARG C 229 16.24 -31.33 9.69
N VAL C 230 15.77 -32.14 8.74
CA VAL C 230 14.81 -33.20 9.04
C VAL C 230 15.35 -34.38 9.82
N THR C 231 16.55 -34.87 9.47
CA THR C 231 17.10 -36.03 10.19
C THR C 231 17.01 -35.75 11.68
N TYR C 232 17.20 -34.49 12.04
CA TYR C 232 17.15 -34.08 13.44
C TYR C 232 15.81 -34.36 14.13
N TYR C 233 14.70 -34.20 13.42
CA TYR C 233 13.39 -34.44 14.04
C TYR C 233 12.73 -35.73 13.61
N LEU C 234 13.55 -36.65 13.09
CA LEU C 234 13.05 -37.93 12.61
C LEU C 234 12.21 -38.65 13.65
N ASP C 235 12.83 -38.98 14.78
CA ASP C 235 12.14 -39.70 15.84
C ASP C 235 10.85 -39.00 16.22
N TRP C 236 10.88 -37.68 16.24
CA TRP C 236 9.66 -36.94 16.57
C TRP C 236 8.60 -37.17 15.50
N ILE C 237 9.01 -37.05 14.24
CA ILE C 237 8.11 -37.24 13.13
C ILE C 237 7.47 -38.62 13.24
N HIS C 238 8.29 -39.61 13.56
CA HIS C 238 7.82 -40.98 13.68
C HIS C 238 6.86 -41.30 14.82
N HIS C 239 6.82 -40.48 15.85
CA HIS C 239 5.90 -40.73 16.97
C HIS C 239 4.46 -40.55 16.50
N TYR C 240 4.28 -39.97 15.32
CA TYR C 240 2.95 -39.75 14.78
C TYR C 240 2.82 -40.39 13.41
N VAL C 241 3.91 -40.39 12.65
CA VAL C 241 3.87 -40.96 11.32
C VAL C 241 4.32 -42.42 11.22
N PRO C 242 3.35 -43.33 11.02
CA PRO C 242 3.67 -44.76 10.91
C PRO C 242 4.65 -45.00 9.77
N LYS C 243 5.51 -46.00 9.97
CA LYS C 243 6.50 -46.36 8.98
C LYS C 243 5.81 -47.10 7.84
N LYS C 244 5.67 -46.42 6.71
CA LYS C 244 5.01 -46.94 5.50
C LYS C 244 3.50 -46.95 5.72
N ILE D 1 -17.10 -7.20 -12.46
CA ILE D 1 -18.55 -7.25 -12.53
C ILE D 1 -19.18 -7.39 -11.16
N VAL D 2 -19.98 -6.41 -10.78
CA VAL D 2 -20.67 -6.44 -9.50
C VAL D 2 -21.94 -7.25 -9.70
N GLY D 3 -22.17 -8.21 -8.82
CA GLY D 3 -23.35 -9.05 -8.94
C GLY D 3 -22.99 -10.12 -9.95
N GLY D 4 -24.02 -10.68 -10.60
CA GLY D 4 -23.81 -11.69 -11.62
C GLY D 4 -23.33 -13.08 -11.24
N GLN D 5 -22.77 -13.77 -12.24
CA GLN D 5 -22.26 -15.13 -12.09
C GLN D 5 -21.15 -15.39 -13.11
N GLU D 6 -20.45 -16.51 -12.97
CA GLU D 6 -19.39 -16.85 -13.91
C GLU D 6 -20.04 -17.26 -15.23
N ALA D 7 -19.69 -16.57 -16.30
CA ALA D 7 -20.26 -16.87 -17.60
C ALA D 7 -19.93 -18.28 -18.03
N PRO D 8 -20.91 -19.00 -18.61
CA PRO D 8 -20.76 -20.38 -19.10
C PRO D 8 -19.66 -20.38 -20.15
N ARG D 9 -18.87 -21.46 -20.18
CA ARG D 9 -17.73 -21.57 -21.09
C ARG D 9 -17.91 -21.20 -22.55
N SER D 10 -19.14 -21.10 -23.00
CA SER D 10 -19.39 -20.74 -24.39
C SER D 10 -20.48 -19.70 -24.41
N LYS D 11 -20.22 -18.53 -23.83
CA LYS D 11 -21.25 -17.53 -23.81
C LYS D 11 -20.91 -16.21 -24.48
N TRP D 12 -19.69 -15.74 -24.33
CA TRP D 12 -19.36 -14.46 -24.92
C TRP D 12 -18.08 -14.60 -25.72
N PRO D 13 -18.17 -15.25 -26.89
CA PRO D 13 -17.09 -15.53 -27.84
C PRO D 13 -16.47 -14.30 -28.49
N TRP D 14 -16.93 -13.12 -28.09
CA TRP D 14 -16.38 -11.90 -28.64
C TRP D 14 -15.53 -11.16 -27.63
N GLN D 15 -15.66 -11.57 -26.37
CA GLN D 15 -14.90 -10.97 -25.28
C GLN D 15 -13.41 -11.06 -25.54
N VAL D 16 -12.66 -10.02 -25.21
CA VAL D 16 -11.19 -10.01 -25.36
C VAL D 16 -10.57 -9.26 -24.20
N SER D 17 -9.38 -9.66 -23.77
CA SER D 17 -8.68 -9.00 -22.66
C SER D 17 -7.53 -8.17 -23.20
N LEU D 18 -7.49 -6.89 -22.86
CA LEU D 18 -6.42 -6.02 -23.30
C LEU D 18 -5.34 -6.13 -22.25
N ARG D 19 -4.14 -6.53 -22.64
CA ARG D 19 -3.01 -6.69 -21.71
C ARG D 19 -1.89 -5.71 -21.97
N VAL D 20 -1.16 -5.34 -20.91
CA VAL D 20 0.00 -4.44 -21.02
C VAL D 20 1.20 -5.22 -20.56
N HIS D 21 2.38 -4.81 -21.02
CA HIS D 21 3.59 -5.49 -20.59
C HIS D 21 4.00 -5.02 -19.22
N GLY D 22 3.62 -5.77 -18.19
CA GLY D 22 4.00 -5.43 -16.83
C GLY D 22 5.19 -6.30 -16.50
N PRO D 23 5.37 -6.68 -15.23
CA PRO D 23 6.07 -7.91 -14.83
C PRO D 23 5.52 -9.13 -15.58
N TYR D 24 4.28 -9.01 -16.04
CA TYR D 24 3.59 -10.05 -16.80
C TYR D 24 2.46 -9.29 -17.49
N TRP D 25 2.08 -9.75 -18.68
CA TRP D 25 1.02 -9.10 -19.44
C TRP D 25 -0.24 -9.10 -18.61
N MET D 26 -0.40 -8.04 -17.84
CA MET D 26 -1.52 -7.87 -16.93
C MET D 26 -2.75 -7.25 -17.57
N HIS D 27 -3.90 -7.88 -17.36
CA HIS D 27 -5.16 -7.42 -17.91
C HIS D 27 -5.45 -6.01 -17.40
N PHE D 28 -5.70 -5.07 -18.32
CA PHE D 28 -6.02 -3.69 -17.94
C PHE D 28 -7.37 -3.15 -18.45
N CYS D 29 -8.02 -3.88 -19.34
CA CYS D 29 -9.31 -3.49 -19.90
C CYS D 29 -9.82 -4.62 -20.74
N GLY D 30 -11.07 -4.49 -21.17
CA GLY D 30 -11.68 -5.50 -21.98
C GLY D 30 -12.07 -4.83 -23.27
N GLY D 31 -12.53 -5.64 -24.21
CA GLY D 31 -12.95 -5.15 -25.50
C GLY D 31 -13.73 -6.25 -26.14
N SER D 32 -14.23 -6.02 -27.35
CA SER D 32 -14.99 -7.04 -28.03
C SER D 32 -14.49 -7.21 -29.44
N LEU D 33 -14.54 -8.43 -29.95
CA LEU D 33 -14.12 -8.68 -31.32
C LEU D 33 -15.32 -8.37 -32.22
N ILE D 34 -15.28 -7.24 -32.93
CA ILE D 34 -16.36 -6.88 -33.82
C ILE D 34 -16.13 -7.31 -35.28
N HIS D 35 -14.88 -7.58 -35.64
CA HIS D 35 -14.47 -8.02 -36.97
C HIS D 35 -13.27 -8.90 -36.69
N PRO D 36 -13.03 -9.94 -37.50
CA PRO D 36 -11.89 -10.84 -37.29
C PRO D 36 -10.51 -10.19 -37.17
N GLN D 37 -10.42 -8.90 -37.49
CA GLN D 37 -9.15 -8.21 -37.38
C GLN D 37 -9.23 -6.94 -36.54
N TRP D 38 -10.43 -6.59 -36.08
CA TRP D 38 -10.61 -5.38 -35.30
C TRP D 38 -11.26 -5.57 -33.96
N VAL D 39 -10.77 -4.85 -32.95
CA VAL D 39 -11.29 -4.91 -31.60
C VAL D 39 -11.82 -3.55 -31.19
N LEU D 40 -13.01 -3.53 -30.60
CA LEU D 40 -13.64 -2.29 -30.16
C LEU D 40 -13.44 -2.23 -28.67
N THR D 41 -13.02 -1.07 -28.16
CA THR D 41 -12.75 -0.88 -26.75
C THR D 41 -12.93 0.59 -26.35
N ALA D 42 -12.78 0.89 -25.07
CA ALA D 42 -12.94 2.27 -24.61
C ALA D 42 -11.63 3.01 -24.86
N ALA D 43 -11.72 4.22 -25.38
CA ALA D 43 -10.54 5.01 -25.69
C ALA D 43 -9.71 5.28 -24.46
N HIS D 44 -10.37 5.51 -23.32
CA HIS D 44 -9.67 5.79 -22.08
C HIS D 44 -8.80 4.66 -21.59
N CYS D 45 -8.86 3.50 -22.26
CA CYS D 45 -8.03 2.38 -21.88
C CYS D 45 -6.68 2.56 -22.54
N VAL D 46 -6.65 3.34 -23.63
CA VAL D 46 -5.44 3.54 -24.40
C VAL D 46 -5.11 5.00 -24.75
N GLY D 47 -5.89 5.94 -24.24
CA GLY D 47 -5.62 7.35 -24.53
C GLY D 47 -5.76 8.24 -23.32
N PRO D 48 -5.83 9.57 -23.50
CA PRO D 48 -5.56 10.31 -24.73
C PRO D 48 -4.08 10.31 -25.13
N ASP D 49 -3.21 9.92 -24.20
CA ASP D 49 -1.79 9.87 -24.49
C ASP D 49 -1.44 8.68 -25.35
N VAL D 50 -0.57 8.92 -26.31
CA VAL D 50 -0.13 7.90 -27.25
C VAL D 50 0.55 6.74 -26.54
N LYS D 51 0.11 5.53 -26.87
CA LYS D 51 0.64 4.29 -26.29
C LYS D 51 1.56 3.58 -27.28
N ASP D 52 2.60 2.93 -26.77
CA ASP D 52 3.50 2.19 -27.64
C ASP D 52 2.92 0.77 -27.80
N LEU D 53 2.59 0.43 -29.04
CA LEU D 53 1.99 -0.86 -29.35
C LEU D 53 2.74 -2.08 -28.84
N ALA D 54 4.04 -1.98 -28.66
CA ALA D 54 4.80 -3.12 -28.17
C ALA D 54 4.30 -3.46 -26.79
N ALA D 55 4.03 -2.43 -26.02
CA ALA D 55 3.55 -2.56 -24.65
C ALA D 55 2.15 -3.17 -24.55
N LEU D 56 1.47 -3.24 -25.69
CA LEU D 56 0.12 -3.77 -25.76
C LEU D 56 0.01 -5.15 -26.39
N ARG D 57 -0.96 -5.91 -25.91
CA ARG D 57 -1.20 -7.23 -26.44
C ARG D 57 -2.62 -7.64 -26.11
N VAL D 58 -3.25 -8.34 -27.05
CA VAL D 58 -4.61 -8.80 -26.91
C VAL D 58 -4.75 -10.30 -26.65
N GLN D 59 -5.69 -10.64 -25.77
CA GLN D 59 -5.99 -12.03 -25.44
C GLN D 59 -7.45 -12.25 -25.79
N LEU D 60 -7.74 -13.16 -26.71
CA LEU D 60 -9.12 -13.43 -27.09
C LEU D 60 -9.81 -14.15 -25.95
N ARG D 61 -11.11 -14.40 -26.10
CA ARG D 61 -11.90 -15.05 -25.04
C ARG D 61 -11.23 -16.22 -24.36
N GLU D 62 -11.31 -16.25 -23.03
CA GLU D 62 -10.78 -17.33 -22.21
C GLU D 62 -11.59 -17.35 -20.90
N GLN D 63 -11.93 -18.53 -20.42
CA GLN D 63 -12.75 -18.68 -19.22
C GLN D 63 -12.09 -18.28 -17.90
N HIS D 64 -10.77 -18.36 -17.82
CA HIS D 64 -10.03 -18.02 -16.61
C HIS D 64 -8.77 -17.22 -16.99
N LEU D 65 -8.86 -15.92 -16.77
CA LEU D 65 -7.82 -14.96 -17.13
C LEU D 65 -6.38 -15.30 -17.50
N TYR D 66 -5.66 -16.10 -16.76
CA TYR D 66 -4.29 -16.28 -17.19
C TYR D 66 -3.88 -17.69 -17.51
N TYR D 67 -4.81 -18.61 -17.37
CA TYR D 67 -4.45 -20.00 -17.54
C TYR D 67 -4.03 -20.52 -18.86
N GLN D 68 -4.56 -19.95 -19.94
CA GLN D 68 -4.17 -20.42 -21.25
C GLN D 68 -3.93 -19.25 -22.21
N ASP D 69 -2.99 -18.39 -21.85
CA ASP D 69 -2.66 -17.22 -22.64
C ASP D 69 -2.06 -17.53 -24.00
N GLN D 70 -2.41 -16.68 -24.95
CA GLN D 70 -1.92 -16.79 -26.31
C GLN D 70 -2.12 -15.37 -26.83
N LEU D 71 -1.19 -14.52 -26.42
CA LEU D 71 -1.20 -13.11 -26.74
C LEU D 71 -1.00 -12.76 -28.20
N LEU D 72 -1.91 -11.93 -28.71
CA LEU D 72 -1.90 -11.47 -30.09
C LEU D 72 -1.43 -10.03 -30.11
N PRO D 73 -0.50 -9.71 -31.02
CA PRO D 73 0.01 -8.34 -31.09
C PRO D 73 -0.95 -7.46 -31.85
N VAL D 74 -0.86 -6.15 -31.62
CA VAL D 74 -1.71 -5.20 -32.31
C VAL D 74 -0.86 -4.50 -33.36
N SER D 75 -1.48 -4.18 -34.48
CA SER D 75 -0.81 -3.52 -35.60
C SER D 75 -1.00 -2.00 -35.62
N ARG D 76 -2.16 -1.54 -35.18
CA ARG D 76 -2.44 -0.11 -35.18
C ARG D 76 -3.53 0.19 -34.16
N ILE D 77 -3.41 1.33 -33.48
CA ILE D 77 -4.38 1.77 -32.46
C ILE D 77 -5.07 3.02 -33.00
N ILE D 78 -6.40 3.03 -32.98
CA ILE D 78 -7.14 4.18 -33.47
C ILE D 78 -8.08 4.65 -32.39
N VAL D 79 -7.85 5.86 -31.90
CA VAL D 79 -8.65 6.45 -30.85
C VAL D 79 -9.43 7.60 -31.46
N HIS D 80 -10.65 7.82 -31.00
CA HIS D 80 -11.49 8.87 -31.54
C HIS D 80 -10.88 10.24 -31.33
N PRO D 81 -10.71 11.02 -32.42
CA PRO D 81 -10.12 12.37 -32.40
C PRO D 81 -10.73 13.31 -31.41
N GLN D 82 -11.96 13.07 -30.99
CA GLN D 82 -12.55 13.97 -30.03
C GLN D 82 -12.37 13.50 -28.61
N PHE D 83 -11.81 12.32 -28.43
CA PHE D 83 -11.65 11.83 -27.09
C PHE D 83 -10.62 12.50 -26.27
N TYR D 84 -11.04 12.97 -25.10
CA TYR D 84 -10.10 13.52 -24.16
C TYR D 84 -10.35 12.91 -22.78
N THR D 85 -11.60 12.90 -22.36
CA THR D 85 -11.98 12.35 -21.06
C THR D 85 -13.32 11.66 -21.23
N ALA D 86 -13.54 10.60 -20.45
CA ALA D 86 -14.78 9.85 -20.52
C ALA D 86 -16.01 10.67 -20.19
N GLN D 87 -15.91 11.57 -19.21
CA GLN D 87 -17.03 12.40 -18.81
C GLN D 87 -17.46 13.32 -19.93
N ILE D 88 -16.55 13.59 -20.86
CA ILE D 88 -16.83 14.46 -21.98
C ILE D 88 -17.33 13.63 -23.16
N GLY D 89 -17.37 12.33 -22.99
CA GLY D 89 -17.86 11.46 -24.06
C GLY D 89 -16.84 11.11 -25.11
N ALA D 90 -17.28 10.37 -26.13
CA ALA D 90 -16.42 9.94 -27.23
C ALA D 90 -15.38 8.95 -26.78
N ASP D 91 -15.64 8.30 -25.68
CA ASP D 91 -14.73 7.32 -25.12
C ASP D 91 -14.89 6.01 -25.92
N ILE D 92 -14.16 5.91 -27.02
CA ILE D 92 -14.23 4.70 -27.85
C ILE D 92 -12.94 4.60 -28.66
N ALA D 93 -12.54 3.38 -29.02
CA ALA D 93 -11.31 3.18 -29.79
C ALA D 93 -11.27 1.81 -30.44
N LEU D 94 -10.52 1.71 -31.54
CA LEU D 94 -10.37 0.47 -32.31
C LEU D 94 -8.90 0.01 -32.25
N LEU D 95 -8.69 -1.29 -32.11
CA LEU D 95 -7.36 -1.87 -32.08
C LEU D 95 -7.35 -2.83 -33.24
N GLU D 96 -6.44 -2.63 -34.18
CA GLU D 96 -6.37 -3.52 -35.32
C GLU D 96 -5.39 -4.62 -34.97
N LEU D 97 -5.82 -5.86 -35.10
CA LEU D 97 -4.96 -6.99 -34.82
C LEU D 97 -3.99 -7.12 -35.99
N GLU D 98 -2.77 -7.53 -35.70
CA GLU D 98 -1.76 -7.69 -36.74
C GLU D 98 -2.23 -8.69 -37.80
N GLU D 99 -2.83 -9.79 -37.36
CA GLU D 99 -3.32 -10.82 -38.27
C GLU D 99 -4.73 -11.20 -37.89
N PRO D 100 -5.56 -11.55 -38.89
CA PRO D 100 -6.95 -11.94 -38.67
C PRO D 100 -7.01 -13.22 -37.85
N VAL D 101 -8.05 -13.34 -37.04
CA VAL D 101 -8.21 -14.51 -36.21
C VAL D 101 -8.99 -15.57 -36.96
N LYS D 102 -9.01 -16.77 -36.41
CA LYS D 102 -9.77 -17.84 -37.02
C LYS D 102 -11.00 -18.05 -36.13
N VAL D 103 -12.14 -17.56 -36.62
CA VAL D 103 -13.40 -17.65 -35.91
C VAL D 103 -13.90 -19.07 -35.72
N SER D 104 -14.63 -19.28 -34.62
CA SER D 104 -15.19 -20.56 -34.30
C SER D 104 -16.42 -20.35 -33.43
N SER D 105 -16.87 -21.42 -32.77
CA SER D 105 -18.03 -21.39 -31.89
C SER D 105 -17.66 -20.75 -30.55
N HIS D 106 -16.36 -20.82 -30.24
CA HIS D 106 -15.85 -20.28 -28.99
C HIS D 106 -15.26 -18.90 -29.15
N VAL D 107 -14.87 -18.55 -30.36
CA VAL D 107 -14.31 -17.24 -30.63
C VAL D 107 -14.82 -16.70 -31.96
N HIS D 108 -15.76 -15.79 -31.89
CA HIS D 108 -16.29 -15.20 -33.11
C HIS D 108 -16.85 -13.86 -32.72
N THR D 109 -17.09 -13.01 -33.72
CA THR D 109 -17.56 -11.66 -33.52
C THR D 109 -18.96 -11.38 -32.98
N VAL D 110 -19.12 -10.15 -32.50
CA VAL D 110 -20.38 -9.63 -31.98
C VAL D 110 -20.93 -8.73 -33.08
N THR D 111 -22.24 -8.59 -33.11
CA THR D 111 -22.88 -7.76 -34.13
C THR D 111 -23.15 -6.34 -33.63
N LEU D 112 -22.72 -5.34 -34.40
CA LEU D 112 -22.97 -3.96 -34.02
C LEU D 112 -24.44 -3.68 -34.31
N PRO D 113 -25.08 -2.81 -33.54
CA PRO D 113 -26.48 -2.50 -33.76
C PRO D 113 -26.66 -1.59 -34.96
N PRO D 114 -27.89 -1.53 -35.51
CA PRO D 114 -28.18 -0.68 -36.66
C PRO D 114 -28.27 0.75 -36.11
N ALA D 115 -28.16 1.75 -36.98
CA ALA D 115 -28.22 3.13 -36.53
C ALA D 115 -29.63 3.57 -36.17
N SER D 116 -30.54 2.59 -36.08
CA SER D 116 -31.94 2.85 -35.75
C SER D 116 -32.40 2.26 -34.41
N GLU D 117 -31.50 1.56 -33.71
CA GLU D 117 -31.82 0.97 -32.42
C GLU D 117 -31.59 1.93 -31.26
N THR D 118 -32.49 1.93 -30.30
CA THR D 118 -32.34 2.81 -29.15
C THR D 118 -32.08 2.07 -27.83
N PHE D 119 -32.34 0.78 -27.83
CA PHE D 119 -32.13 -0.04 -26.64
C PHE D 119 -32.86 0.56 -25.44
N PRO D 120 -34.19 0.60 -25.52
CA PRO D 120 -35.03 1.15 -24.45
C PRO D 120 -35.05 0.26 -23.21
N PRO D 121 -35.56 0.81 -22.09
CA PRO D 121 -35.62 0.03 -20.85
C PRO D 121 -36.49 -1.21 -21.03
N GLY D 122 -36.06 -2.31 -20.42
CA GLY D 122 -36.79 -3.55 -20.54
C GLY D 122 -36.00 -4.56 -21.36
N MET D 123 -35.06 -4.05 -22.14
CA MET D 123 -34.20 -4.89 -22.96
C MET D 123 -33.34 -5.77 -22.06
N PRO D 124 -33.07 -7.02 -22.50
CA PRO D 124 -32.25 -7.96 -21.73
C PRO D 124 -30.79 -7.73 -22.16
N CYS D 125 -30.11 -6.88 -21.40
CA CYS D 125 -28.73 -6.58 -21.71
C CYS D 125 -27.82 -7.15 -20.66
N TRP D 126 -26.59 -7.44 -21.06
CA TRP D 126 -25.61 -8.02 -20.17
C TRP D 126 -24.29 -7.33 -20.33
N VAL D 127 -23.53 -7.25 -19.23
CA VAL D 127 -22.20 -6.68 -19.28
C VAL D 127 -21.35 -7.85 -18.87
N THR D 128 -20.18 -7.97 -19.47
CA THR D 128 -19.28 -9.06 -19.15
C THR D 128 -17.89 -8.50 -18.91
N GLY D 129 -17.07 -9.24 -18.16
CA GLY D 129 -15.71 -8.81 -17.90
C GLY D 129 -15.02 -9.49 -16.73
N TRP D 130 -13.74 -9.19 -16.55
CA TRP D 130 -12.96 -9.76 -15.45
C TRP D 130 -12.60 -8.70 -14.40
N GLY D 131 -13.34 -7.59 -14.37
CA GLY D 131 -13.06 -6.52 -13.41
C GLY D 131 -13.54 -6.79 -11.99
N ASP D 132 -13.22 -5.88 -11.09
CA ASP D 132 -13.58 -5.98 -9.67
C ASP D 132 -14.99 -6.46 -9.40
N VAL D 133 -15.17 -7.22 -8.34
CA VAL D 133 -16.47 -7.77 -7.99
C VAL D 133 -17.25 -6.82 -7.10
N ASP D 134 -16.61 -5.74 -6.71
CA ASP D 134 -17.23 -4.74 -5.87
C ASP D 134 -16.20 -3.63 -5.75
N ASN D 135 -16.52 -2.59 -5.01
CA ASN D 135 -15.58 -1.48 -4.84
C ASN D 135 -14.37 -1.95 -4.10
N ASP D 136 -13.21 -1.73 -4.71
CA ASP D 136 -11.94 -2.13 -4.14
C ASP D 136 -11.89 -3.60 -3.73
N GLU D 137 -12.73 -4.41 -4.39
CA GLU D 137 -12.80 -5.85 -4.16
C GLU D 137 -12.39 -6.49 -5.48
N ARG D 138 -11.10 -6.73 -5.67
CA ARG D 138 -10.62 -7.32 -6.92
C ARG D 138 -11.12 -8.75 -7.12
N LEU D 139 -11.11 -9.21 -8.37
CA LEU D 139 -11.56 -10.56 -8.69
C LEU D 139 -10.56 -11.63 -8.24
N PRO D 140 -10.94 -12.47 -7.27
CA PRO D 140 -10.04 -13.51 -6.77
C PRO D 140 -9.73 -14.57 -7.81
N PRO D 141 -8.53 -15.15 -7.76
CA PRO D 141 -8.26 -16.19 -8.74
C PRO D 141 -9.23 -17.35 -8.48
N PRO D 142 -9.55 -18.16 -9.50
CA PRO D 142 -8.87 -18.29 -10.78
C PRO D 142 -9.35 -17.35 -11.88
N PHE D 143 -9.76 -16.13 -11.52
CA PHE D 143 -10.19 -15.11 -12.49
C PHE D 143 -11.24 -15.56 -13.52
N PRO D 144 -12.40 -16.03 -13.07
CA PRO D 144 -13.40 -16.45 -14.04
C PRO D 144 -14.14 -15.27 -14.69
N LEU D 145 -14.48 -15.43 -15.96
CA LEU D 145 -15.25 -14.38 -16.65
C LEU D 145 -16.65 -14.28 -16.02
N LYS D 146 -17.00 -13.11 -15.53
CA LYS D 146 -18.31 -12.93 -14.93
C LYS D 146 -19.21 -12.19 -15.90
N GLN D 147 -20.51 -12.38 -15.73
CA GLN D 147 -21.52 -11.72 -16.57
C GLN D 147 -22.58 -11.23 -15.62
N VAL D 148 -23.33 -10.21 -16.03
CA VAL D 148 -24.40 -9.67 -15.21
C VAL D 148 -25.50 -9.10 -16.12
N LYS D 149 -26.75 -9.29 -15.72
CA LYS D 149 -27.88 -8.79 -16.49
C LYS D 149 -28.19 -7.40 -15.97
N VAL D 150 -27.97 -6.37 -16.76
CA VAL D 150 -28.25 -5.02 -16.31
C VAL D 150 -29.42 -4.39 -17.06
N PRO D 151 -30.13 -3.48 -16.40
CA PRO D 151 -31.29 -2.75 -16.90
C PRO D 151 -30.94 -1.39 -17.52
N ILE D 152 -31.36 -1.18 -18.77
CA ILE D 152 -31.13 0.08 -19.49
C ILE D 152 -31.89 1.12 -18.71
N MET D 153 -31.57 2.39 -18.94
CA MET D 153 -32.22 3.48 -18.24
C MET D 153 -32.17 4.73 -19.12
N GLU D 154 -33.32 5.38 -19.29
CA GLU D 154 -33.42 6.57 -20.13
C GLU D 154 -32.36 7.61 -19.79
N ASN D 155 -31.59 8.03 -20.78
CA ASN D 155 -30.54 9.03 -20.54
C ASN D 155 -31.06 10.15 -19.65
N HIS D 156 -32.25 10.64 -19.94
CA HIS D 156 -32.82 11.75 -19.18
C HIS D 156 -33.05 11.42 -17.72
N ILE D 157 -33.54 10.22 -17.44
CA ILE D 157 -33.78 9.79 -16.08
C ILE D 157 -32.41 9.63 -15.44
N CYS D 158 -31.47 9.12 -16.22
CA CYS D 158 -30.11 8.91 -15.74
C CYS D 158 -29.42 10.22 -15.37
N ASP D 159 -29.41 11.14 -16.32
CA ASP D 159 -28.80 12.44 -16.15
C ASP D 159 -29.27 13.05 -14.87
N ALA D 160 -30.56 12.94 -14.62
CA ALA D 160 -31.16 13.47 -13.40
C ALA D 160 -30.62 12.79 -12.16
N LYS D 161 -30.66 11.46 -12.14
CA LYS D 161 -30.15 10.73 -11.00
C LYS D 161 -28.75 11.18 -10.68
N TYR D 162 -27.97 11.53 -11.69
CA TYR D 162 -26.61 11.98 -11.45
C TYR D 162 -26.48 13.34 -10.77
N HIS D 163 -27.57 14.09 -10.76
CA HIS D 163 -27.58 15.39 -10.09
C HIS D 163 -28.02 15.27 -8.64
N LEU D 164 -28.72 14.20 -8.29
CA LEU D 164 -29.16 14.02 -6.91
C LEU D 164 -27.93 13.96 -6.00
N GLY D 165 -27.88 14.85 -5.02
CA GLY D 165 -26.76 14.88 -4.10
C GLY D 165 -25.53 15.60 -4.64
N ALA D 166 -25.70 16.38 -5.71
CA ALA D 166 -24.60 17.10 -6.32
C ALA D 166 -24.89 18.59 -6.49
N TYR D 167 -23.82 19.39 -6.44
CA TYR D 167 -23.84 20.84 -6.57
C TYR D 167 -24.14 21.32 -7.98
N THR D 168 -23.97 20.43 -8.96
CA THR D 168 -24.17 20.72 -10.38
C THR D 168 -25.60 21.12 -10.77
N GLY D 169 -25.77 22.34 -11.27
CA GLY D 169 -27.07 22.81 -11.71
C GLY D 169 -27.69 21.85 -12.70
N ASP D 170 -29.02 21.77 -12.72
CA ASP D 170 -29.74 20.87 -13.61
C ASP D 170 -29.65 21.24 -15.08
N ASP D 171 -29.40 22.51 -15.34
CA ASP D 171 -29.29 22.98 -16.72
C ASP D 171 -27.98 22.44 -17.33
N VAL D 172 -27.13 21.87 -16.47
CA VAL D 172 -25.85 21.30 -16.88
C VAL D 172 -25.95 19.79 -17.06
N ARG D 173 -25.84 19.38 -18.32
CA ARG D 173 -25.96 17.98 -18.73
C ARG D 173 -24.75 17.09 -18.43
N ILE D 174 -24.91 16.17 -17.49
CA ILE D 174 -23.87 15.24 -17.06
C ILE D 174 -23.82 14.02 -17.98
N VAL D 175 -24.99 13.48 -18.30
CA VAL D 175 -25.05 12.32 -19.19
C VAL D 175 -25.36 12.72 -20.61
N ARG D 176 -24.30 12.72 -21.39
CA ARG D 176 -24.33 13.05 -22.79
C ARG D 176 -25.16 12.10 -23.64
N ASP D 177 -25.59 12.59 -24.80
CA ASP D 177 -26.38 11.83 -25.74
C ASP D 177 -25.60 10.65 -26.33
N ASP D 178 -24.27 10.73 -26.33
CA ASP D 178 -23.50 9.64 -26.87
C ASP D 178 -23.25 8.54 -25.85
N MET D 179 -23.76 8.72 -24.64
CA MET D 179 -23.57 7.75 -23.58
C MET D 179 -24.88 6.98 -23.37
N LEU D 180 -24.83 5.90 -22.59
CA LEU D 180 -25.99 5.05 -22.31
C LEU D 180 -25.84 4.48 -20.90
N CYS D 181 -26.86 4.60 -20.05
CA CYS D 181 -26.79 4.09 -18.68
C CYS D 181 -27.42 2.74 -18.52
N ALA D 182 -26.98 2.01 -17.51
CA ALA D 182 -27.56 0.71 -17.23
C ALA D 182 -27.02 0.21 -15.91
N GLY D 183 -27.88 -0.43 -15.11
CA GLY D 183 -27.45 -0.98 -13.85
C GLY D 183 -28.22 -0.49 -12.65
N ASN D 184 -28.04 -1.20 -11.53
CA ASN D 184 -28.68 -0.85 -10.26
C ASN D 184 -27.72 -1.05 -9.08
N THR D 185 -28.18 -0.84 -7.87
CA THR D 185 -27.31 -0.98 -6.70
C THR D 185 -26.70 -2.33 -6.44
N ARG D 186 -27.12 -3.36 -7.15
CA ARG D 186 -26.55 -4.68 -6.94
C ARG D 186 -26.14 -5.37 -8.22
N ARG D 187 -26.18 -4.64 -9.32
CA ARG D 187 -25.80 -5.20 -10.59
C ARG D 187 -25.16 -4.09 -11.38
N ASP D 188 -23.86 -4.23 -11.66
CA ASP D 188 -23.11 -3.21 -12.40
C ASP D 188 -21.75 -3.70 -12.86
N SER D 189 -21.21 -3.03 -13.88
CA SER D 189 -19.88 -3.30 -14.40
C SER D 189 -19.01 -2.55 -13.41
N CYS D 190 -17.71 -2.75 -13.44
CA CYS D 190 -16.89 -2.06 -12.46
C CYS D 190 -15.47 -1.89 -12.99
N GLN D 191 -14.62 -1.33 -12.15
CA GLN D 191 -13.22 -1.09 -12.50
C GLN D 191 -12.62 -2.32 -13.12
N GLY D 192 -11.91 -2.15 -14.22
CA GLY D 192 -11.30 -3.29 -14.87
C GLY D 192 -12.18 -3.93 -15.91
N ASP D 193 -13.43 -3.50 -15.95
CA ASP D 193 -14.36 -4.01 -16.93
C ASP D 193 -14.36 -3.10 -18.14
N SER D 194 -13.84 -1.88 -17.96
CA SER D 194 -13.76 -0.87 -19.00
C SER D 194 -13.36 -1.42 -20.36
N GLY D 195 -13.98 -0.89 -21.41
CA GLY D 195 -13.68 -1.37 -22.75
C GLY D 195 -14.49 -2.60 -23.11
N GLY D 196 -15.05 -3.27 -22.09
CA GLY D 196 -15.86 -4.46 -22.29
C GLY D 196 -17.18 -4.13 -22.97
N PRO D 197 -17.96 -5.16 -23.35
CA PRO D 197 -19.23 -4.94 -24.02
C PRO D 197 -20.50 -5.01 -23.19
N LEU D 198 -21.51 -4.25 -23.61
CA LEU D 198 -22.83 -4.28 -23.03
C LEU D 198 -23.61 -4.78 -24.24
N VAL D 199 -24.02 -6.04 -24.23
CA VAL D 199 -24.76 -6.57 -25.37
C VAL D 199 -26.19 -6.92 -25.03
N CYS D 200 -27.12 -6.56 -25.89
CA CYS D 200 -28.53 -6.84 -25.67
C CYS D 200 -29.00 -7.81 -26.74
N LYS D 201 -29.87 -8.75 -26.38
CA LYS D 201 -30.37 -9.70 -27.36
C LYS D 201 -31.59 -9.10 -28.03
N VAL D 202 -31.39 -8.43 -29.16
CA VAL D 202 -32.50 -7.82 -29.87
C VAL D 202 -32.98 -8.75 -30.98
N ASN D 203 -34.22 -9.18 -30.89
CA ASN D 203 -34.81 -10.05 -31.89
C ASN D 203 -33.94 -11.31 -32.09
N GLY D 204 -33.57 -11.97 -31.00
CA GLY D 204 -32.75 -13.17 -31.09
C GLY D 204 -31.25 -13.01 -31.39
N THR D 205 -30.80 -11.82 -31.78
CA THR D 205 -29.39 -11.57 -32.10
C THR D 205 -28.68 -10.68 -31.10
N TRP D 206 -27.58 -11.17 -30.56
CA TRP D 206 -26.82 -10.40 -29.61
C TRP D 206 -26.27 -9.18 -30.33
N LEU D 207 -26.62 -8.00 -29.85
CA LEU D 207 -26.12 -6.77 -30.42
C LEU D 207 -25.32 -6.05 -29.33
N GLN D 208 -24.30 -5.31 -29.73
CA GLN D 208 -23.49 -4.57 -28.76
C GLN D 208 -24.02 -3.16 -28.67
N ALA D 209 -24.73 -2.89 -27.57
CA ALA D 209 -25.33 -1.60 -27.34
C ALA D 209 -24.32 -0.50 -27.02
N GLY D 210 -23.42 -0.81 -26.07
CA GLY D 210 -22.41 0.13 -25.66
C GLY D 210 -21.09 -0.48 -25.20
N VAL D 211 -20.16 0.38 -24.82
CA VAL D 211 -18.86 -0.03 -24.37
C VAL D 211 -18.73 0.54 -22.96
N VAL D 212 -18.30 -0.27 -22.00
CA VAL D 212 -18.17 0.18 -20.62
C VAL D 212 -17.31 1.44 -20.62
N SER D 213 -17.84 2.54 -20.07
CA SER D 213 -17.12 3.81 -20.09
C SER D 213 -16.68 4.38 -18.74
N TRP D 214 -17.60 4.95 -17.97
CA TRP D 214 -17.23 5.55 -16.69
C TRP D 214 -18.33 5.40 -15.66
N GLY D 215 -18.28 6.23 -14.62
CA GLY D 215 -19.29 6.18 -13.58
C GLY D 215 -18.73 6.69 -12.27
N GLU D 216 -19.60 6.86 -11.28
CA GLU D 216 -19.17 7.31 -9.97
C GLU D 216 -19.29 6.14 -9.01
N GLY D 217 -18.26 5.30 -8.96
CA GLY D 217 -18.32 4.14 -8.09
C GLY D 217 -19.06 2.96 -8.70
N CYS D 218 -18.83 1.77 -8.15
CA CYS D 218 -19.49 0.57 -8.65
C CYS D 218 -20.82 0.25 -7.95
N ALA D 219 -21.89 0.17 -8.74
CA ALA D 219 -23.21 -0.11 -8.21
C ALA D 219 -23.59 0.79 -7.05
N GLN D 220 -23.53 2.10 -7.29
CA GLN D 220 -23.90 3.08 -6.27
C GLN D 220 -25.28 3.63 -6.57
N PRO D 221 -26.07 3.93 -5.53
CA PRO D 221 -27.41 4.45 -5.77
C PRO D 221 -27.34 5.75 -6.51
N ASN D 222 -28.28 5.98 -7.42
CA ASN D 222 -28.34 7.20 -8.20
C ASN D 222 -27.10 7.46 -9.03
N ARG D 223 -26.29 6.42 -9.27
CA ARG D 223 -25.06 6.53 -10.08
C ARG D 223 -24.87 5.31 -11.00
N PRO D 224 -25.78 5.11 -11.98
CA PRO D 224 -25.61 3.94 -12.85
C PRO D 224 -24.38 4.03 -13.73
N GLY D 225 -23.87 2.88 -14.14
CA GLY D 225 -22.69 2.88 -14.97
C GLY D 225 -23.01 3.51 -16.31
N ILE D 226 -22.05 4.24 -16.86
CA ILE D 226 -22.21 4.90 -18.14
C ILE D 226 -21.44 4.11 -19.22
N TYR D 227 -22.07 3.90 -20.36
CA TYR D 227 -21.47 3.17 -21.45
C TYR D 227 -21.50 4.04 -22.68
N THR D 228 -20.60 3.81 -23.62
CA THR D 228 -20.61 4.60 -24.84
C THR D 228 -21.66 4.01 -25.78
N ARG D 229 -22.52 4.87 -26.29
CA ARG D 229 -23.56 4.45 -27.21
C ARG D 229 -22.92 4.08 -28.53
N VAL D 230 -22.89 2.79 -28.81
CA VAL D 230 -22.31 2.29 -30.03
C VAL D 230 -22.98 2.93 -31.24
N THR D 231 -24.30 3.00 -31.23
CA THR D 231 -25.02 3.57 -32.37
C THR D 231 -24.58 4.98 -32.75
N TYR D 232 -24.02 5.73 -31.80
CA TYR D 232 -23.58 7.12 -32.05
C TYR D 232 -22.24 7.17 -32.79
N TYR D 233 -21.48 6.09 -32.72
CA TYR D 233 -20.19 6.06 -33.38
C TYR D 233 -20.11 4.99 -34.46
N LEU D 234 -21.28 4.56 -34.93
CA LEU D 234 -21.37 3.53 -35.96
C LEU D 234 -20.59 3.91 -37.20
N ASP D 235 -20.82 5.13 -37.69
CA ASP D 235 -20.15 5.62 -38.89
C ASP D 235 -18.65 5.66 -38.73
N TRP D 236 -18.18 6.33 -37.67
CA TRP D 236 -16.75 6.42 -37.41
C TRP D 236 -16.13 5.02 -37.42
N ILE D 237 -16.75 4.10 -36.69
CA ILE D 237 -16.28 2.72 -36.66
C ILE D 237 -16.14 2.19 -38.08
N HIS D 238 -17.19 2.32 -38.88
CA HIS D 238 -17.14 1.82 -40.25
C HIS D 238 -16.10 2.45 -41.17
N HIS D 239 -15.55 3.59 -40.78
CA HIS D 239 -14.52 4.23 -41.61
C HIS D 239 -13.32 3.30 -41.68
N TYR D 240 -13.16 2.50 -40.64
CA TYR D 240 -12.05 1.54 -40.56
C TYR D 240 -12.55 0.13 -40.69
N VAL D 241 -13.62 -0.21 -39.99
CA VAL D 241 -14.15 -1.56 -40.02
C VAL D 241 -15.10 -1.77 -41.19
N PRO D 242 -14.67 -2.57 -42.18
CA PRO D 242 -15.48 -2.86 -43.36
C PRO D 242 -16.71 -3.61 -42.96
N LYS D 243 -17.67 -3.70 -43.86
CA LYS D 243 -18.89 -4.42 -43.58
C LYS D 243 -18.67 -5.85 -44.06
N LYS D 244 -18.34 -6.72 -43.11
CA LYS D 244 -18.05 -8.15 -43.30
C LYS D 244 -16.56 -8.42 -43.56
#